data_1OED
#
_entry.id   1OED
#
_cell.length_a   1.000
_cell.length_b   1.000
_cell.length_c   1.000
_cell.angle_alpha   90.00
_cell.angle_beta   90.00
_cell.angle_gamma   90.00
#
_symmetry.space_group_name_H-M   'P 1'
#
loop_
_entity.id
_entity.type
_entity.pdbx_description
1 polymer 'Acetylcholine receptor subunit alpha'
2 polymer 'Acetylcholine receptor beta subunit'
3 polymer 'Acetylcholine receptor delta subunit'
4 polymer 'Acetylcholine receptor gamma subunit'
#
loop_
_entity_poly.entity_id
_entity_poly.type
_entity_poly.pdbx_seq_one_letter_code
_entity_poly.pdbx_strand_id
1 'polypeptide(L)'
;PLYFVVNVIIPCLLFSFLTGLVFYLPTDSGEKMTLSISVLLSLTVFLLVIVELIPSTSSAVPLIGKYMLFTMIFVISSII
ITVVVINTHHRSPSTHTMPQWVRKIFIDTIPNVMFFSTMKRASKEKQENKIFADDIDISDISGKQVTGEVIFQTPLIKNP
DVKSAIEGVKYIAEHMKSDEESSNAAEEWKYVAMVIDHILLCVFMLICIIGTVSVFAGRLIELSQEG
;
A,D
2 'polypeptide(L)'
;PLFYIVYTIIPCILISILAILVFYLPPDAGEKMSLSISALLAVTVFLLLLADKVPETSLSVPIIIRYLMFIMILVAFSVI
LSVVVLNLHHRSPNTHTMPNWIRQIFIETLPPFLWIQRPVTTPSPDSKPTIISRANDEYFIRKPAGDFVCPVDNARVAVQ
PERLFSEMKWHLNGLTQPVTLPQDLKEAVEAIKYIAEQLESASEFDDLKKDWQYVAMVADRLFLYVFFVICSIGTFSIFL
DASHNVPPDN
;
B
3 'polypeptide(L)'
;PLFYVINFITPCVLISFLASLAFYLPAESGEKMSTAISVLLAQAVFLLLTSQRLPETALAVPLIGKYLMFIMSLVTGVIV
NCGIVLNFHFRTPSTHVLSTRVKQIFLEKLPRILHMSRADESEQPDWQNDLKLRRSSSVGYISKAQEYFNIKSRSELMFE
KQSERHGLVPRVTPRIGFGNNNENIAASDQLHDEIKSGIDSTNYIVKQIKEKNAYDEEVGNWNLVGQTIDRLSMFIITPV
MVLGTIFIFVMGNFNHPPAK
;
C
4 'polypeptide(L)'
;PLFYIINIIAPCVLISSLVVLVYFLPAQAGGQKCTLSISVLLAQTIFLFLIAQKVPETSLNVPLIGKYLIFVMFVSMLIV
MNCVIVLNVSLRTPNTHSLSEKIKHLFLGFLPKYLGMQLEPSEETPEKPQPRRRSSFGIMIKAEEYILKKPRSELMFEEQ
KDRHGLKRVNKMTSDIDIGTTVDLYKDLANFAPEIKSCVEACNFIAKSTKEQNDSGSENENWVLIGKVIDKACFWIALLL
FSIGTLAIFLTGHFNQVPEF
;
E
#
# COMPACT_ATOMS: atom_id res chain seq x y z
N PRO A 1 3.11 20.20 24.67
CA PRO A 1 2.78 18.76 24.25
C PRO A 1 3.61 18.68 23.01
N LEU A 2 4.84 18.24 23.17
CA LEU A 2 5.81 18.23 22.06
C LEU A 2 6.02 16.82 21.52
N TYR A 3 5.08 15.93 21.74
CA TYR A 3 5.21 14.53 21.34
C TYR A 3 4.91 14.36 19.86
N PHE A 4 4.25 15.32 19.26
CA PHE A 4 3.89 15.26 17.85
C PHE A 4 4.82 16.08 16.97
N VAL A 5 5.37 17.13 17.57
CA VAL A 5 6.29 18.02 16.86
C VAL A 5 7.63 17.30 16.63
N VAL A 6 7.85 16.24 17.39
CA VAL A 6 9.07 15.45 17.21
C VAL A 6 8.91 14.51 16.02
N ASN A 7 7.83 13.73 16.04
CA ASN A 7 7.58 12.72 15.03
C ASN A 7 7.28 13.37 13.68
N VAL A 8 6.69 14.56 13.68
CA VAL A 8 6.36 15.25 12.43
C VAL A 8 7.62 15.78 11.76
N ILE A 9 8.52 16.33 12.59
CA ILE A 9 9.79 16.85 12.10
C ILE A 9 10.64 15.70 11.55
N ILE A 10 10.45 14.55 12.17
CA ILE A 10 11.16 13.33 11.78
C ILE A 10 10.63 12.82 10.44
N PRO A 11 9.32 12.97 10.16
CA PRO A 11 8.74 12.49 8.92
C PRO A 11 9.27 13.31 7.77
N CYS A 12 9.34 14.59 8.04
CA CYS A 12 9.80 15.60 7.07
C CYS A 12 11.30 15.42 6.81
N LEU A 13 12.04 15.27 7.88
CA LEU A 13 13.50 15.14 7.77
C LEU A 13 13.90 13.91 6.95
N LEU A 14 13.40 12.75 7.27
CA LEU A 14 13.57 11.53 6.49
C LEU A 14 12.97 11.67 5.09
N PHE A 15 11.81 12.37 5.04
CA PHE A 15 11.20 12.55 3.73
C PHE A 15 12.02 13.46 2.85
N SER A 16 12.76 14.35 3.47
CA SER A 16 13.64 15.23 2.73
C SER A 16 14.72 14.34 2.09
N PHE A 17 15.10 13.32 2.83
CA PHE A 17 16.11 12.35 2.37
C PHE A 17 15.58 11.56 1.16
N LEU A 18 14.29 11.27 1.18
CA LEU A 18 13.64 10.57 0.07
C LEU A 18 13.77 11.42 -1.19
N THR A 19 13.42 12.69 -1.05
CA THR A 19 13.51 13.65 -2.16
C THR A 19 14.99 13.91 -2.43
N GLY A 20 15.69 14.37 -1.41
CA GLY A 20 17.13 14.63 -1.50
C GLY A 20 17.82 13.43 -2.15
N LEU A 21 17.39 12.27 -1.66
CA LEU A 21 17.87 10.97 -2.16
C LEU A 21 17.23 10.68 -3.51
N VAL A 22 16.00 11.17 -3.64
CA VAL A 22 15.25 11.04 -4.89
C VAL A 22 15.94 11.92 -5.92
N PHE A 23 16.20 13.15 -5.46
CA PHE A 23 16.98 14.09 -6.24
C PHE A 23 18.43 13.57 -6.36
N TYR A 24 19.01 13.24 -5.21
CA TYR A 24 20.37 12.75 -5.07
C TYR A 24 20.49 11.33 -5.59
N LEU A 25 19.40 10.62 -5.62
CA LEU A 25 19.35 9.24 -6.11
C LEU A 25 19.29 9.22 -7.63
N PRO A 26 18.96 10.34 -8.31
CA PRO A 26 18.98 10.40 -9.76
C PRO A 26 20.40 10.56 -10.32
N THR A 27 21.07 11.56 -9.78
CA THR A 27 22.40 11.97 -10.19
C THR A 27 23.40 10.85 -9.97
N ASP A 28 23.27 10.19 -8.83
CA ASP A 28 24.15 9.10 -8.47
C ASP A 28 23.76 7.83 -9.20
N SER A 29 22.42 7.62 -9.44
CA SER A 29 21.87 6.46 -10.12
C SER A 29 20.50 6.77 -10.70
N GLY A 30 20.48 7.08 -11.99
CA GLY A 30 19.25 7.48 -12.72
C GLY A 30 18.40 6.27 -13.10
N GLU A 31 19.09 5.19 -13.27
CA GLU A 31 18.55 3.90 -13.69
C GLU A 31 17.41 3.46 -12.77
N LYS A 32 17.29 4.00 -11.54
CA LYS A 32 16.29 3.55 -10.59
C LYS A 32 15.12 4.52 -10.53
N MET A 33 14.82 5.21 -11.61
CA MET A 33 13.79 6.24 -11.70
C MET A 33 12.42 5.64 -11.43
N THR A 34 12.13 4.57 -12.13
CA THR A 34 10.85 3.89 -11.90
C THR A 34 10.83 3.40 -10.48
N LEU A 35 11.94 2.77 -10.12
CA LEU A 35 12.16 2.30 -8.76
C LEU A 35 11.93 3.54 -7.91
N SER A 36 12.25 4.65 -8.57
CA SER A 36 12.04 5.97 -8.01
C SER A 36 10.54 6.30 -7.91
N ILE A 37 9.93 5.96 -9.08
CA ILE A 37 8.49 6.10 -9.15
C ILE A 37 7.83 5.47 -7.90
N SER A 38 8.31 4.28 -7.57
CA SER A 38 7.79 3.55 -6.42
C SER A 38 7.92 4.37 -5.14
N VAL A 39 9.03 5.17 -5.06
CA VAL A 39 9.23 5.97 -3.86
C VAL A 39 8.23 7.12 -3.81
N LEU A 40 7.91 7.66 -4.98
CA LEU A 40 6.91 8.72 -5.06
C LEU A 40 5.55 8.26 -4.53
N LEU A 41 5.16 7.03 -4.91
CA LEU A 41 3.91 6.46 -4.40
C LEU A 41 3.92 6.29 -2.88
N SER A 42 4.97 5.51 -2.54
CA SER A 42 5.31 5.36 -1.14
C SER A 42 5.43 6.72 -0.45
N LEU A 43 6.28 7.65 -0.98
CA LEU A 43 6.52 8.88 -0.23
C LEU A 43 5.23 9.69 -0.07
N THR A 44 4.29 9.35 -0.98
CA THR A 44 3.05 10.09 -1.20
C THR A 44 1.91 9.47 -0.39
N VAL A 45 1.93 8.20 -0.13
CA VAL A 45 0.93 7.64 0.77
C VAL A 45 1.23 8.00 2.21
N PHE A 46 2.53 7.94 2.51
CA PHE A 46 3.02 8.26 3.84
C PHE A 46 2.61 9.67 4.23
N LEU A 47 2.78 10.64 3.34
CA LEU A 47 2.45 12.04 3.64
C LEU A 47 0.94 12.25 3.75
N LEU A 48 0.21 11.63 2.83
CA LEU A 48 -1.25 11.72 2.74
C LEU A 48 -1.93 11.16 4.00
N VAL A 49 -1.30 10.20 4.65
CA VAL A 49 -1.85 9.62 5.88
C VAL A 49 -1.49 10.47 7.09
N ILE A 50 -0.34 11.14 6.97
CA ILE A 50 0.11 12.05 8.01
C ILE A 50 -0.82 13.27 8.08
N VAL A 51 -1.26 13.66 6.94
CA VAL A 51 -2.23 14.76 6.92
C VAL A 51 -3.52 14.34 7.64
N GLU A 52 -3.72 13.04 7.65
CA GLU A 52 -4.87 12.43 8.30
C GLU A 52 -4.74 12.47 9.81
N LEU A 53 -3.74 11.70 10.27
CA LEU A 53 -3.43 11.69 11.69
C LEU A 53 -3.50 13.10 12.29
N ILE A 54 -2.88 14.03 11.61
CA ILE A 54 -2.82 15.41 12.06
C ILE A 54 -4.20 16.07 11.99
N PRO A 55 -5.06 15.72 11.04
CA PRO A 55 -6.37 16.34 10.92
C PRO A 55 -7.20 16.08 12.14
N SER A 56 -7.23 14.82 12.53
CA SER A 56 -8.02 14.38 13.70
C SER A 56 -7.49 15.02 14.98
N THR A 57 -6.18 15.17 15.02
CA THR A 57 -5.51 15.75 16.20
C THR A 57 -5.87 17.23 16.35
N SER A 58 -5.67 17.95 15.25
CA SER A 58 -5.93 19.39 15.20
C SER A 58 -7.40 19.70 15.54
N SER A 59 -8.28 18.97 14.89
CA SER A 59 -9.73 19.15 15.07
C SER A 59 -10.15 18.71 16.49
N ALA A 60 -9.39 17.77 17.02
CA ALA A 60 -9.61 17.22 18.37
C ALA A 60 -9.12 18.22 19.42
N VAL A 61 -7.90 18.64 19.19
CA VAL A 61 -7.27 19.68 19.98
C VAL A 61 -7.24 20.93 19.07
N PRO A 62 -7.96 22.01 19.42
CA PRO A 62 -7.97 23.23 18.63
C PRO A 62 -6.66 23.93 18.76
N LEU A 63 -6.32 24.70 17.75
CA LEU A 63 -5.09 25.49 17.76
C LEU A 63 -5.21 26.56 16.67
N ILE A 64 -4.17 27.36 16.47
CA ILE A 64 -4.18 28.45 15.52
C ILE A 64 -3.84 27.94 14.11
N GLY A 65 -4.68 28.40 13.19
CA GLY A 65 -4.69 28.02 11.76
C GLY A 65 -3.40 28.38 11.00
N LYS A 66 -2.81 29.51 11.35
CA LYS A 66 -1.62 30.03 10.68
C LYS A 66 -0.49 29.02 10.72
N TYR A 67 -0.27 28.29 11.82
CA TYR A 67 0.82 27.34 11.92
C TYR A 67 0.56 26.12 11.04
N MET A 68 -0.69 25.95 10.62
CA MET A 68 -1.13 24.82 9.80
C MET A 68 -0.81 25.05 8.34
N LEU A 69 -0.85 26.31 7.92
CA LEU A 69 -0.59 26.71 6.54
C LEU A 69 0.81 26.31 6.09
N PHE A 70 1.74 26.44 7.02
CA PHE A 70 3.15 26.13 6.78
C PHE A 70 3.32 24.66 6.46
N THR A 71 2.66 23.80 7.22
CA THR A 71 2.73 22.37 6.99
C THR A 71 2.25 22.03 5.58
N MET A 72 1.15 22.68 5.23
CA MET A 72 0.51 22.49 3.93
C MET A 72 1.41 22.96 2.79
N ILE A 73 1.91 24.19 2.97
CA ILE A 73 2.75 24.81 1.97
C ILE A 73 3.99 23.94 1.71
N PHE A 74 4.75 23.76 2.77
CA PHE A 74 5.96 22.95 2.74
C PHE A 74 5.69 21.60 2.10
N VAL A 75 4.67 20.94 2.62
CA VAL A 75 4.25 19.60 2.19
C VAL A 75 3.84 19.62 0.71
N ILE A 76 3.24 20.71 0.30
CA ILE A 76 2.73 20.88 -1.08
C ILE A 76 3.86 21.18 -2.07
N SER A 77 4.96 21.69 -1.52
CA SER A 77 6.15 22.07 -2.32
C SER A 77 7.07 20.86 -2.51
N SER A 78 7.14 20.04 -1.50
CA SER A 78 7.87 18.79 -1.62
C SER A 78 7.11 18.04 -2.70
N ILE A 79 5.81 18.16 -2.51
CA ILE A 79 4.81 17.55 -3.40
C ILE A 79 4.91 18.14 -4.81
N ILE A 80 5.11 19.45 -4.92
CA ILE A 80 5.21 20.06 -6.24
C ILE A 80 6.58 19.82 -6.85
N ILE A 81 7.59 19.79 -6.00
CA ILE A 81 8.95 19.51 -6.45
C ILE A 81 9.00 18.09 -6.98
N THR A 82 8.38 17.17 -6.23
CA THR A 82 8.30 15.79 -6.68
C THR A 82 7.72 15.71 -8.08
N VAL A 83 6.55 16.33 -8.21
CA VAL A 83 5.86 16.39 -9.49
C VAL A 83 6.80 16.88 -10.59
N VAL A 84 7.45 17.99 -10.28
CA VAL A 84 8.42 18.59 -11.22
C VAL A 84 9.71 17.76 -11.21
N VAL A 85 10.11 17.37 -10.01
CA VAL A 85 11.30 16.55 -9.85
C VAL A 85 11.09 15.19 -10.47
N ILE A 86 9.84 14.90 -10.65
CA ILE A 86 9.43 13.67 -11.33
C ILE A 86 9.31 13.90 -12.84
N ASN A 87 8.79 15.10 -13.13
CA ASN A 87 8.74 15.52 -14.51
C ASN A 87 10.21 15.63 -14.91
N THR A 88 10.91 16.22 -13.95
CA THR A 88 12.35 16.39 -14.00
C THR A 88 12.97 15.02 -14.16
N HIS A 89 12.56 14.17 -13.24
CA HIS A 89 12.97 12.78 -13.25
C HIS A 89 12.55 12.19 -14.59
N HIS A 90 11.31 12.45 -14.95
CA HIS A 90 10.74 11.96 -16.21
C HIS A 90 11.52 12.53 -17.38
N ARG A 91 11.74 13.82 -17.32
CA ARG A 91 12.52 14.50 -18.35
C ARG A 91 13.99 14.14 -18.13
N SER A 92 14.42 14.29 -16.89
CA SER A 92 15.76 13.90 -16.49
C SER A 92 15.96 12.50 -17.00
N ALA A 193 24.51 14.80 -15.10
CA ALA A 193 25.61 15.39 -14.35
C ALA A 193 25.40 16.88 -14.14
N MET A 194 24.73 17.74 -14.86
CA MET A 194 24.59 19.21 -14.67
C MET A 194 23.16 19.52 -14.23
N VAL A 195 22.24 18.86 -14.90
CA VAL A 195 20.82 19.11 -14.61
C VAL A 195 20.43 18.71 -13.18
N ILE A 196 20.87 17.55 -12.70
CA ILE A 196 20.51 17.12 -11.36
C ILE A 196 21.09 18.06 -10.29
N ASP A 197 22.34 18.44 -10.48
CA ASP A 197 22.95 19.41 -9.58
C ASP A 197 22.07 20.65 -9.67
N HIS A 198 21.77 20.88 -10.96
CA HIS A 198 20.81 21.90 -11.27
C HIS A 198 19.44 21.92 -10.60
N ILE A 199 18.87 20.71 -10.71
CA ILE A 199 17.60 20.44 -10.04
C ILE A 199 17.80 20.23 -8.55
N LEU A 200 18.91 19.58 -8.23
CA LEU A 200 19.29 19.33 -6.83
C LEU A 200 19.72 20.64 -6.15
N LEU A 201 20.39 21.47 -6.94
CA LEU A 201 20.87 22.77 -6.45
C LEU A 201 19.69 23.71 -6.19
N CYS A 202 18.73 23.66 -7.10
CA CYS A 202 17.53 24.50 -7.04
C CYS A 202 16.50 23.94 -6.06
N VAL A 203 16.63 22.66 -5.79
CA VAL A 203 15.79 22.01 -4.80
C VAL A 203 16.29 22.34 -3.39
N PHE A 204 17.54 21.94 -3.20
CA PHE A 204 18.24 22.21 -1.97
C PHE A 204 18.11 23.66 -1.52
N MET A 205 18.46 24.55 -2.47
CA MET A 205 18.42 25.99 -2.28
C MET A 205 17.02 26.48 -1.92
N LEU A 206 16.02 25.85 -2.53
CA LEU A 206 14.61 26.18 -2.29
C LEU A 206 14.12 25.59 -0.97
N ILE A 207 14.51 24.35 -0.70
CA ILE A 207 14.08 23.68 0.51
C ILE A 207 14.83 24.24 1.72
N CYS A 208 16.08 24.59 1.53
CA CYS A 208 16.84 25.19 2.64
C CYS A 208 16.26 26.55 3.01
N ILE A 209 15.85 27.24 1.97
CA ILE A 209 15.22 28.55 2.16
C ILE A 209 13.82 28.37 2.76
N ILE A 210 12.98 27.75 1.95
CA ILE A 210 11.61 27.46 2.39
C ILE A 210 11.58 26.89 3.80
N GLY A 211 12.47 25.92 3.96
CA GLY A 211 12.68 25.24 5.25
C GLY A 211 13.29 26.23 6.23
N THR A 212 14.16 27.06 5.68
CA THR A 212 14.75 28.14 6.46
C THR A 212 13.70 29.17 6.83
N VAL A 213 12.86 29.48 5.83
CA VAL A 213 11.75 30.40 6.08
C VAL A 213 10.76 29.80 7.07
N SER A 214 10.39 28.53 6.83
CA SER A 214 9.42 27.86 7.69
C SER A 214 9.93 27.72 9.11
N VAL A 215 11.27 27.42 9.19
CA VAL A 215 11.91 27.30 10.49
C VAL A 215 12.01 28.66 11.17
N PHE A 216 12.25 29.70 10.40
CA PHE A 216 12.13 31.06 10.92
C PHE A 216 10.72 31.37 11.46
N ALA A 217 9.71 30.97 10.70
CA ALA A 217 8.29 31.23 11.06
C ALA A 217 7.92 30.59 12.40
N GLY A 218 8.63 29.51 12.69
CA GLY A 218 8.50 28.82 13.97
C GLY A 218 9.41 29.52 14.96
N ARG A 219 10.59 29.83 14.43
CA ARG A 219 11.64 30.54 15.17
C ARG A 219 11.11 31.88 15.69
N LEU A 220 10.69 32.70 14.73
CA LEU A 220 10.12 34.02 15.03
C LEU A 220 8.87 33.90 15.90
N ILE A 221 8.11 32.88 15.55
CA ILE A 221 6.95 32.54 16.35
C ILE A 221 7.39 31.96 17.70
N GLU A 222 8.64 31.49 17.64
CA GLU A 222 9.31 30.95 18.82
C GLU A 222 9.82 32.12 19.67
N LEU A 223 10.27 33.14 18.96
CA LEU A 223 10.75 34.38 19.59
C LEU A 223 9.63 35.00 20.41
N SER A 224 8.46 35.04 19.79
CA SER A 224 7.25 35.57 20.41
C SER A 224 6.79 34.64 21.54
N GLN A 225 6.90 33.34 21.26
CA GLN A 225 6.53 32.30 22.21
C GLN A 225 7.36 32.38 23.48
N GLU A 226 8.66 32.59 23.30
CA GLU A 226 9.66 32.66 24.39
C GLU A 226 9.34 33.81 25.34
N GLY A 227 8.87 34.93 24.76
CA GLY A 227 8.52 36.11 25.56
C GLY A 227 7.11 36.05 26.17
N PRO B 1 2.86 -9.20 30.87
CA PRO B 1 1.65 -9.01 30.08
C PRO B 1 1.92 -9.25 28.60
N LEU B 2 2.81 -10.17 28.42
CA LEU B 2 3.50 -10.52 27.14
C LEU B 2 2.75 -10.78 25.86
N PHE B 3 1.52 -10.39 25.87
CA PHE B 3 0.75 -10.53 24.63
C PHE B 3 1.43 -9.77 23.50
N TYR B 4 1.42 -8.45 23.58
CA TYR B 4 1.98 -7.57 22.52
C TYR B 4 3.53 -7.66 22.30
N ILE B 5 4.30 -7.86 23.35
CA ILE B 5 5.78 -7.90 23.28
C ILE B 5 6.29 -8.99 22.32
N VAL B 6 5.58 -10.11 22.33
CA VAL B 6 5.92 -11.27 21.50
C VAL B 6 5.62 -11.02 20.02
N TYR B 7 4.60 -10.23 19.74
CA TYR B 7 4.24 -9.89 18.34
C TYR B 7 5.18 -8.79 17.84
N THR B 8 5.48 -7.84 18.71
CA THR B 8 6.35 -6.73 18.39
C THR B 8 7.76 -7.22 18.09
N ILE B 9 8.20 -8.18 18.90
CA ILE B 9 9.52 -8.76 18.74
C ILE B 9 9.61 -9.49 17.40
N ILE B 10 8.52 -10.16 17.07
CA ILE B 10 8.42 -10.91 15.82
C ILE B 10 8.39 -9.95 14.62
N PRO B 11 7.85 -8.73 14.77
CA PRO B 11 7.80 -7.78 13.66
C PRO B 11 9.20 -7.36 13.32
N CYS B 12 9.96 -7.09 14.38
CA CYS B 12 11.36 -6.61 14.29
C CYS B 12 12.33 -7.73 13.86
N ILE B 13 12.06 -8.94 14.35
CA ILE B 13 12.91 -10.12 14.03
C ILE B 13 12.79 -10.46 12.54
N LEU B 14 11.57 -10.54 12.04
CA LEU B 14 11.35 -10.77 10.61
C LEU B 14 11.79 -9.57 9.76
N ILE B 15 11.58 -8.37 10.40
CA ILE B 15 11.95 -7.16 9.67
C ILE B 15 13.48 -7.05 9.56
N SER B 16 14.16 -7.62 10.53
CA SER B 16 15.63 -7.66 10.51
C SER B 16 16.05 -8.58 9.36
N ILE B 17 15.16 -9.53 9.08
CA ILE B 17 15.40 -10.49 7.99
C ILE B 17 15.18 -9.80 6.66
N LEU B 18 14.34 -8.78 6.71
CA LEU B 18 14.06 -7.96 5.53
C LEU B 18 15.29 -7.12 5.19
N ALA B 19 15.90 -6.52 6.21
CA ALA B 19 17.08 -5.70 6.06
C ALA B 19 18.34 -6.54 5.98
N ILE B 20 18.34 -7.59 6.78
CA ILE B 20 19.42 -8.55 6.69
C ILE B 20 19.46 -9.16 5.28
N LEU B 21 18.23 -9.53 4.90
CA LEU B 21 17.95 -10.11 3.58
C LEU B 21 18.08 -9.02 2.52
N VAL B 22 17.69 -7.82 2.92
CA VAL B 22 17.86 -6.65 2.06
C VAL B 22 19.33 -6.34 1.83
N PHE B 23 19.99 -6.35 3.00
CA PHE B 23 21.44 -6.28 3.00
C PHE B 23 22.01 -7.53 2.43
N TYR B 24 21.61 -8.57 3.07
CA TYR B 24 22.00 -9.90 2.68
C TYR B 24 21.51 -10.16 1.26
N LEU B 25 20.44 -9.50 0.88
CA LEU B 25 19.86 -9.68 -0.46
C LEU B 25 20.75 -9.04 -1.52
N PRO B 26 21.64 -8.10 -1.17
CA PRO B 26 22.62 -7.48 -2.11
C PRO B 26 23.81 -8.39 -2.40
N PRO B 27 24.37 -9.10 -1.39
CA PRO B 27 25.49 -10.02 -1.62
C PRO B 27 25.10 -11.19 -2.47
N ASP B 28 23.91 -11.69 -2.19
CA ASP B 28 23.36 -12.88 -2.79
C ASP B 28 22.75 -12.58 -4.14
N ALA B 29 22.29 -11.36 -4.36
CA ALA B 29 21.67 -10.94 -5.64
C ALA B 29 21.68 -9.42 -5.77
N GLY B 30 22.73 -8.93 -6.43
CA GLY B 30 23.01 -7.49 -6.59
C GLY B 30 21.96 -6.74 -7.42
N GLU B 31 21.42 -7.37 -8.45
CA GLU B 31 20.46 -6.75 -9.35
C GLU B 31 19.19 -6.34 -8.62
N LYS B 32 18.93 -6.94 -7.46
CA LYS B 32 17.74 -6.69 -6.66
C LYS B 32 17.70 -5.25 -6.17
N MET B 33 18.86 -4.64 -6.08
CA MET B 33 19.10 -3.29 -5.62
C MET B 33 17.82 -2.47 -5.60
N SER B 34 17.26 -2.18 -6.77
CA SER B 34 16.01 -1.38 -6.85
C SER B 34 14.86 -2.17 -6.20
N LEU B 35 15.00 -3.49 -6.34
CA LEU B 35 14.08 -4.48 -5.76
C LEU B 35 14.14 -4.38 -4.23
N SER B 36 15.35 -4.04 -3.81
CA SER B 36 15.63 -3.78 -2.40
C SER B 36 14.87 -2.55 -1.90
N ILE B 37 14.78 -1.60 -2.84
CA ILE B 37 14.06 -0.37 -2.58
C ILE B 37 12.60 -0.68 -2.21
N SER B 38 12.02 -1.54 -3.05
CA SER B 38 10.65 -2.00 -2.83
C SER B 38 10.45 -2.46 -1.40
N ALA B 39 11.53 -3.03 -0.87
CA ALA B 39 11.55 -3.53 0.51
C ALA B 39 11.55 -2.36 1.50
N LEU B 40 12.28 -1.33 1.12
CA LEU B 40 12.37 -0.12 1.92
C LEU B 40 11.00 0.55 2.09
N LEU B 41 10.26 0.57 0.97
CA LEU B 41 8.90 1.14 0.96
C LEU B 41 7.98 0.32 1.87
N ALA B 42 7.98 -0.97 1.46
CA ALA B 42 7.30 -1.98 2.23
C ALA B 42 7.74 -1.96 3.70
N VAL B 43 9.02 -2.08 3.99
CA VAL B 43 9.50 -2.12 5.36
C VAL B 43 9.13 -0.85 6.11
N THR B 44 8.90 0.21 5.32
CA THR B 44 8.66 1.56 5.80
C THR B 44 7.18 1.82 5.98
N VAL B 45 6.31 1.20 5.21
CA VAL B 45 4.88 1.35 5.46
C VAL B 45 4.46 0.55 6.68
N PHE B 46 5.11 -0.59 6.79
CA PHE B 46 4.86 -1.54 7.88
C PHE B 46 5.18 -0.89 9.22
N LEU B 47 6.34 -0.26 9.35
CA LEU B 47 6.76 0.36 10.61
C LEU B 47 5.92 1.59 10.94
N LEU B 48 5.58 2.36 9.91
CA LEU B 48 4.82 3.60 10.11
C LEU B 48 3.40 3.31 10.62
N LEU B 49 2.85 2.20 10.19
CA LEU B 49 1.52 1.79 10.65
C LEU B 49 1.58 1.24 12.08
N LEU B 50 2.71 0.63 12.39
CA LEU B 50 2.93 0.09 13.73
C LEU B 50 3.01 1.21 14.76
N ALA B 51 3.56 2.32 14.34
CA ALA B 51 3.70 3.50 15.20
C ALA B 51 2.32 4.07 15.52
N ASP B 52 1.41 3.86 14.58
CA ASP B 52 0.05 4.30 14.68
C ASP B 52 -0.76 3.41 15.59
N LYS B 53 -0.61 2.11 15.35
CA LYS B 53 -1.25 1.15 16.23
C LYS B 53 -0.83 1.40 17.66
N VAL B 54 0.46 1.48 17.81
CA VAL B 54 1.08 1.77 19.09
C VAL B 54 0.75 3.21 19.48
N PRO B 55 0.35 4.01 18.52
CA PRO B 55 -0.02 5.40 18.86
C PRO B 55 -1.34 5.47 19.64
N GLU B 56 -2.24 4.59 19.26
CA GLU B 56 -3.55 4.53 19.92
C GLU B 56 -3.47 3.75 21.23
N THR B 57 -2.73 2.67 21.20
CA THR B 57 -2.57 1.83 22.40
C THR B 57 -2.04 2.66 23.55
N SER B 58 -1.12 3.51 23.26
CA SER B 58 -0.43 4.36 24.27
C SER B 58 -1.54 5.21 24.97
N LEU B 59 -2.48 5.65 24.15
CA LEU B 59 -3.62 6.45 24.60
C LEU B 59 -4.38 5.74 25.73
N SER B 60 -4.49 4.46 25.76
CA SER B 60 -5.37 3.71 26.64
C SER B 60 -4.81 3.64 28.05
N VAL B 61 -3.50 3.65 28.18
CA VAL B 61 -2.83 3.62 29.50
C VAL B 61 -1.33 4.01 29.39
N PRO B 62 -1.02 5.22 29.84
CA PRO B 62 0.35 5.79 29.82
C PRO B 62 1.31 5.17 30.83
N ILE B 63 2.54 4.96 30.38
CA ILE B 63 3.64 4.40 31.21
C ILE B 63 4.93 4.40 30.40
N ILE B 64 5.98 3.94 31.06
CA ILE B 64 7.35 3.89 30.55
C ILE B 64 7.37 3.68 29.04
N ILE B 65 8.25 4.44 28.46
CA ILE B 65 8.51 4.33 27.02
C ILE B 65 9.63 3.33 26.72
N ARG B 66 10.43 3.20 27.78
CA ARG B 66 11.57 2.28 27.77
C ARG B 66 11.70 1.58 26.43
N TYR B 67 10.87 0.55 26.26
CA TYR B 67 10.86 -0.28 25.06
C TYR B 67 10.55 0.56 23.83
N LEU B 68 9.53 1.41 23.96
CA LEU B 68 9.16 2.33 22.88
C LEU B 68 10.31 3.28 22.54
N MET B 69 10.71 3.97 23.60
CA MET B 69 11.89 4.81 23.52
C MET B 69 13.11 4.02 23.07
N PHE B 70 12.82 2.71 23.16
CA PHE B 70 13.74 1.67 22.73
C PHE B 70 13.36 1.16 21.36
N ILE B 71 12.06 0.93 21.22
CA ILE B 71 11.49 0.46 19.95
C ILE B 71 11.54 1.54 18.89
N MET B 72 11.46 2.77 19.37
CA MET B 72 11.50 3.96 18.51
C MET B 72 12.85 4.11 17.82
N ILE B 73 13.90 3.94 18.61
CA ILE B 73 15.29 4.07 18.13
C ILE B 73 15.64 2.96 17.14
N LEU B 74 15.37 1.73 17.56
CA LEU B 74 15.64 0.56 16.71
C LEU B 74 14.97 0.69 15.34
N VAL B 75 13.73 1.16 15.39
CA VAL B 75 12.95 1.38 14.17
C VAL B 75 13.66 2.44 13.32
N ALA B 76 14.05 3.48 14.00
CA ALA B 76 14.69 4.63 13.38
C ALA B 76 16.00 4.27 12.67
N PHE B 77 16.76 3.41 13.30
CA PHE B 77 18.08 3.01 12.79
C PHE B 77 17.95 1.97 11.68
N SER B 78 17.00 1.09 11.85
CA SER B 78 16.70 0.14 10.81
C SER B 78 16.30 1.01 9.64
N VAL B 79 15.53 2.01 10.04
CA VAL B 79 15.01 3.03 9.14
C VAL B 79 16.17 3.79 8.48
N ILE B 80 17.10 4.24 9.31
CA ILE B 80 18.26 5.02 8.83
C ILE B 80 19.33 4.15 8.18
N LEU B 81 19.30 2.88 8.47
CA LEU B 81 20.21 1.95 7.77
C LEU B 81 19.57 1.67 6.41
N SER B 82 18.25 1.43 6.40
CA SER B 82 17.57 1.19 5.13
C SER B 82 17.84 2.33 4.17
N VAL B 83 17.73 3.53 4.71
CA VAL B 83 18.00 4.76 3.97
C VAL B 83 19.46 4.83 3.53
N VAL B 84 20.35 4.32 4.40
CA VAL B 84 21.79 4.30 4.09
C VAL B 84 22.09 3.17 3.12
N VAL B 85 21.44 2.05 3.36
CA VAL B 85 21.55 0.95 2.39
C VAL B 85 21.08 1.38 1.01
N LEU B 86 20.05 2.23 1.15
CA LEU B 86 19.48 2.90 -0.02
C LEU B 86 20.47 3.88 -0.64
N ASN B 87 21.14 4.62 0.22
CA ASN B 87 22.16 5.56 -0.21
C ASN B 87 23.40 4.77 -0.58
N LEU B 88 23.73 3.83 0.30
CA LEU B 88 24.83 2.91 0.04
C LEU B 88 24.51 2.19 -1.26
N HIS B 89 23.21 1.97 -1.44
CA HIS B 89 22.71 1.32 -2.65
C HIS B 89 22.52 2.37 -3.73
N HIS B 90 22.03 3.54 -3.31
CA HIS B 90 21.85 4.64 -4.24
C HIS B 90 23.20 5.12 -4.74
N ARG B 91 24.04 5.47 -3.77
CA ARG B 91 25.40 5.85 -4.11
C ARG B 91 25.81 4.87 -5.18
N SER B 92 25.43 3.66 -4.85
CA SER B 92 25.63 2.51 -5.73
C SER B 92 24.86 2.67 -7.04
N ALA B 216 30.84 -5.12 -3.58
CA ALA B 216 30.74 -6.19 -2.66
C ALA B 216 31.56 -6.07 -1.38
N MET B 217 32.64 -5.34 -1.44
CA MET B 217 33.51 -5.17 -0.28
C MET B 217 32.82 -4.32 0.80
N VAL B 218 32.07 -3.35 0.34
CA VAL B 218 31.32 -2.45 1.24
C VAL B 218 30.14 -3.22 1.84
N ALA B 219 29.49 -3.98 0.98
CA ALA B 219 28.33 -4.83 1.36
C ALA B 219 28.77 -5.83 2.44
N ASP B 220 29.87 -6.47 2.13
CA ASP B 220 30.51 -7.40 3.05
C ASP B 220 30.84 -6.60 4.31
N ARG B 221 31.15 -5.35 4.06
CA ARG B 221 31.49 -4.37 5.10
C ARG B 221 30.20 -3.82 5.69
N LEU B 222 29.28 -3.54 4.80
CA LEU B 222 27.97 -3.00 5.11
C LEU B 222 27.05 -4.13 5.57
N PHE B 223 27.51 -5.34 5.34
CA PHE B 223 26.79 -6.53 5.83
C PHE B 223 27.29 -6.79 7.24
N LEU B 224 28.60 -6.66 7.39
CA LEU B 224 29.24 -6.83 8.68
C LEU B 224 28.79 -5.71 9.63
N TYR B 225 28.83 -4.48 9.12
CA TYR B 225 28.47 -3.30 9.92
C TYR B 225 27.01 -3.36 10.34
N VAL B 226 26.18 -3.82 9.40
CA VAL B 226 24.76 -3.95 9.66
C VAL B 226 24.50 -4.94 10.80
N PHE B 227 24.94 -6.17 10.50
CA PHE B 227 24.88 -7.28 11.44
C PHE B 227 25.39 -6.86 12.80
N PHE B 228 26.61 -6.34 12.84
CA PHE B 228 27.33 -5.91 14.02
C PHE B 228 26.53 -4.85 14.77
N VAL B 229 26.01 -3.90 13.96
CA VAL B 229 25.15 -2.86 14.51
C VAL B 229 23.85 -3.40 15.09
N ILE B 230 23.20 -4.25 14.32
CA ILE B 230 21.86 -4.71 14.67
C ILE B 230 21.92 -5.77 15.78
N CYS B 231 22.97 -6.56 15.75
CA CYS B 231 23.27 -7.49 16.86
C CYS B 231 23.51 -6.75 18.19
N SER B 232 24.20 -5.63 18.03
CA SER B 232 24.49 -4.79 19.18
C SER B 232 23.32 -3.90 19.59
N ILE B 233 22.72 -3.21 18.66
CA ILE B 233 21.50 -2.46 18.92
C ILE B 233 20.38 -3.38 19.40
N GLY B 234 20.28 -4.48 18.77
CA GLY B 234 19.30 -5.52 19.12
C GLY B 234 19.72 -6.17 20.42
N THR B 235 21.05 -6.29 20.57
CA THR B 235 21.58 -6.77 21.83
C THR B 235 21.35 -5.76 22.94
N PHE B 236 21.57 -4.49 22.57
CA PHE B 236 21.34 -3.40 23.50
C PHE B 236 19.84 -3.27 23.80
N SER B 237 19.05 -3.30 22.74
CA SER B 237 17.58 -3.17 22.86
C SER B 237 17.00 -4.35 23.63
N ILE B 238 17.55 -5.52 23.36
CA ILE B 238 17.11 -6.75 24.04
C ILE B 238 17.51 -6.67 25.51
N PHE B 239 18.67 -6.06 25.73
CA PHE B 239 19.17 -5.83 27.09
C PHE B 239 18.20 -4.89 27.81
N LEU B 240 17.85 -3.82 27.09
CA LEU B 240 16.91 -2.82 27.58
C LEU B 240 15.63 -3.52 28.05
N ASP B 241 15.18 -4.43 27.20
CA ASP B 241 14.03 -5.23 27.49
C ASP B 241 14.25 -6.12 28.69
N ALA B 242 15.46 -6.68 28.72
CA ALA B 242 15.90 -7.53 29.82
C ALA B 242 16.05 -6.71 31.11
N SER B 243 16.70 -5.57 30.96
CA SER B 243 16.97 -4.65 32.08
C SER B 243 15.66 -4.02 32.60
N HIS B 244 14.74 -3.77 31.70
CA HIS B 244 13.46 -3.18 32.08
C HIS B 244 12.66 -4.13 32.96
N ASN B 245 12.61 -5.37 32.56
CA ASN B 245 11.80 -6.38 33.26
C ASN B 245 12.33 -6.67 34.68
N VAL B 246 13.61 -6.41 34.94
CA VAL B 246 14.20 -6.58 36.30
C VAL B 246 13.92 -5.32 37.12
N PRO B 247 14.17 -4.14 36.51
CA PRO B 247 13.96 -2.86 37.20
C PRO B 247 12.49 -2.62 37.55
N PRO B 248 11.62 -2.60 36.54
CA PRO B 248 10.19 -2.40 36.77
C PRO B 248 9.59 -3.50 37.64
N ASP B 249 10.19 -4.68 37.57
CA ASP B 249 9.75 -5.81 38.36
C ASP B 249 9.95 -5.54 39.84
N ASN B 250 11.03 -4.82 40.21
CA ASN B 250 11.34 -4.49 41.58
C ASN B 250 10.52 -3.31 42.04
N PRO C 1 -19.11 -20.20 15.97
CA PRO C 1 -19.09 -19.09 15.02
C PRO C 1 -18.13 -19.32 13.85
N LEU C 2 -18.58 -20.12 12.93
CA LEU C 2 -17.70 -20.48 11.79
C LEU C 2 -17.60 -19.35 10.72
N PHE C 3 -18.15 -18.18 11.03
CA PHE C 3 -18.17 -17.03 10.09
C PHE C 3 -16.83 -16.28 10.02
N TYR C 4 -16.04 -16.29 11.08
CA TYR C 4 -14.73 -15.66 11.02
C TYR C 4 -13.71 -16.56 10.34
N VAL C 5 -13.89 -17.87 10.59
CA VAL C 5 -13.01 -18.90 10.00
C VAL C 5 -13.13 -18.87 8.47
N ILE C 6 -14.35 -18.75 8.03
CA ILE C 6 -14.71 -18.62 6.62
C ILE C 6 -13.67 -17.82 5.82
N ASN C 7 -13.66 -16.56 6.18
CA ASN C 7 -12.85 -15.51 5.58
C ASN C 7 -11.38 -15.61 5.91
N PHE C 8 -11.10 -16.03 7.11
CA PHE C 8 -9.74 -16.17 7.56
C PHE C 8 -9.16 -17.44 6.94
N ILE C 9 -9.99 -18.46 6.86
CA ILE C 9 -9.55 -19.70 6.23
C ILE C 9 -9.23 -19.42 4.76
N THR C 10 -10.10 -18.66 4.13
CA THR C 10 -9.97 -18.27 2.72
C THR C 10 -8.70 -17.45 2.53
N PRO C 11 -8.31 -16.63 3.52
CA PRO C 11 -7.15 -15.78 3.42
C PRO C 11 -5.92 -16.61 3.34
N CYS C 12 -5.93 -17.60 4.20
CA CYS C 12 -4.84 -18.56 4.35
C CYS C 12 -4.78 -19.47 3.12
N VAL C 13 -5.93 -19.95 2.71
CA VAL C 13 -6.00 -20.89 1.58
C VAL C 13 -5.49 -20.25 0.31
N LEU C 14 -5.98 -19.09 -0.07
CA LEU C 14 -5.46 -18.30 -1.19
C LEU C 14 -4.00 -17.88 -0.97
N ILE C 15 -3.69 -17.57 0.32
CA ILE C 15 -2.31 -17.16 0.59
C ILE C 15 -1.35 -18.33 0.43
N SER C 16 -1.83 -19.55 0.68
CA SER C 16 -1.02 -20.72 0.41
C SER C 16 -0.78 -20.87 -1.09
N PHE C 17 -1.74 -20.37 -1.84
CA PHE C 17 -1.64 -20.40 -3.30
C PHE C 17 -0.53 -19.44 -3.71
N LEU C 18 -0.45 -18.36 -2.96
CA LEU C 18 0.56 -17.32 -3.13
C LEU C 18 1.96 -17.90 -2.98
N ALA C 19 2.13 -18.62 -1.87
CA ALA C 19 3.40 -19.25 -1.51
C ALA C 19 3.59 -20.53 -2.30
N SER C 20 2.50 -21.25 -2.44
CA SER C 20 2.52 -22.43 -3.27
C SER C 20 2.87 -21.96 -4.68
N LEU C 21 2.15 -20.94 -5.09
CA LEU C 21 2.34 -20.33 -6.42
C LEU C 21 3.69 -19.63 -6.44
N ALA C 22 4.03 -19.02 -5.31
CA ALA C 22 5.34 -18.41 -5.15
C ALA C 22 6.38 -19.52 -5.33
N PHE C 23 6.24 -20.54 -4.50
CA PHE C 23 7.14 -21.69 -4.54
C PHE C 23 7.14 -22.28 -5.96
N TYR C 24 5.94 -22.46 -6.46
CA TYR C 24 5.72 -22.91 -7.82
C TYR C 24 6.11 -21.83 -8.83
N LEU C 25 5.65 -20.64 -8.40
CA LEU C 25 5.98 -19.42 -9.13
C LEU C 25 7.48 -19.37 -9.46
N PRO C 26 8.34 -19.94 -8.55
CA PRO C 26 9.79 -19.84 -8.68
C PRO C 26 10.27 -20.63 -9.86
N ALA C 27 9.57 -21.73 -10.05
CA ALA C 27 9.92 -22.72 -11.08
C ALA C 27 9.33 -22.36 -12.45
N GLU C 28 8.06 -21.98 -12.47
CA GLU C 28 7.38 -21.65 -13.74
C GLU C 28 7.78 -20.27 -14.25
N SER C 29 7.99 -19.36 -13.31
CA SER C 29 8.36 -17.97 -13.62
C SER C 29 9.57 -17.55 -12.78
N GLY C 30 10.71 -18.06 -13.19
CA GLY C 30 11.97 -17.79 -12.49
C GLY C 30 12.46 -16.38 -12.78
N GLU C 31 11.97 -15.79 -13.85
CA GLU C 31 12.53 -14.53 -14.31
C GLU C 31 11.70 -13.35 -13.83
N LYS C 32 10.67 -13.55 -13.11
CA LYS C 32 9.92 -12.40 -12.57
C LYS C 32 10.16 -12.33 -11.06
N MET C 33 11.39 -12.17 -10.58
CA MET C 33 11.55 -12.23 -9.13
C MET C 33 11.27 -10.88 -8.49
N SER C 34 11.24 -9.78 -9.22
CA SER C 34 10.81 -8.51 -8.66
C SER C 34 9.32 -8.52 -8.35
N THR C 35 8.71 -9.13 -9.34
CA THR C 35 7.28 -9.39 -9.41
C THR C 35 6.81 -10.23 -8.23
N ALA C 36 7.62 -11.25 -7.90
CA ALA C 36 7.36 -12.13 -6.75
C ALA C 36 7.64 -11.34 -5.47
N ILE C 37 8.65 -10.48 -5.61
CA ILE C 37 9.01 -9.54 -4.53
C ILE C 37 7.82 -8.66 -4.14
N SER C 38 7.19 -8.20 -5.21
CA SER C 38 6.00 -7.37 -5.09
C SER C 38 4.94 -8.17 -4.32
N VAL C 39 4.90 -9.50 -4.58
CA VAL C 39 3.91 -10.33 -3.91
C VAL C 39 4.23 -10.48 -2.42
N LEU C 40 5.53 -10.55 -2.14
CA LEU C 40 5.97 -10.62 -0.74
C LEU C 40 5.52 -9.39 0.06
N LEU C 41 5.65 -8.21 -0.55
CA LEU C 41 5.18 -6.98 0.10
C LEU C 41 3.68 -7.00 0.35
N ALA C 42 3.04 -7.19 -0.83
CA ALA C 42 1.60 -7.44 -0.83
C ALA C 42 1.16 -8.56 0.10
N GLN C 43 1.76 -9.72 -0.01
CA GLN C 43 1.34 -10.87 0.82
C GLN C 43 1.56 -10.56 2.31
N ALA C 44 2.49 -9.65 2.52
CA ALA C 44 2.99 -9.26 3.86
C ALA C 44 2.23 -8.10 4.48
N VAL C 45 1.67 -7.24 3.66
CA VAL C 45 0.82 -6.18 4.21
C VAL C 45 -0.55 -6.72 4.59
N PHE C 46 -0.94 -7.68 3.75
CA PHE C 46 -2.22 -8.38 3.92
C PHE C 46 -2.29 -9.14 5.26
N LEU C 47 -1.24 -9.90 5.53
CA LEU C 47 -1.17 -10.70 6.76
C LEU C 47 -1.01 -9.80 8.01
N LEU C 48 -0.23 -8.75 7.87
CA LEU C 48 0.02 -7.84 8.99
C LEU C 48 -1.25 -7.12 9.44
N LEU C 49 -2.10 -6.82 8.47
CA LEU C 49 -3.36 -6.14 8.76
C LEU C 49 -4.36 -7.13 9.38
N THR C 50 -4.22 -8.39 8.98
CA THR C 50 -5.09 -9.45 9.50
C THR C 50 -4.79 -9.68 10.99
N SER C 51 -3.53 -9.55 11.34
CA SER C 51 -3.09 -9.72 12.73
C SER C 51 -3.71 -8.62 13.61
N GLN C 52 -3.91 -7.47 12.98
CA GLN C 52 -4.48 -6.27 13.62
C GLN C 52 -5.98 -6.47 13.90
N ARG C 53 -6.65 -7.10 12.97
CA ARG C 53 -8.10 -7.36 13.12
C ARG C 53 -8.30 -8.42 14.20
N LEU C 54 -7.48 -9.44 14.13
CA LEU C 54 -7.49 -10.55 15.09
C LEU C 54 -7.18 -10.00 16.48
N PRO C 55 -6.25 -9.02 16.60
CA PRO C 55 -5.81 -8.52 17.89
C PRO C 55 -6.91 -7.78 18.58
N GLU C 56 -7.53 -6.90 17.80
CA GLU C 56 -8.63 -6.07 18.29
C GLU C 56 -9.82 -6.95 18.67
N THR C 57 -10.02 -8.00 17.88
CA THR C 57 -11.10 -8.94 18.13
C THR C 57 -10.94 -9.61 19.49
N ALA C 58 -9.78 -10.23 19.66
CA ALA C 58 -9.46 -10.88 20.92
C ALA C 58 -9.86 -10.01 22.11
N LEU C 59 -9.14 -8.89 22.21
CA LEU C 59 -9.39 -7.91 23.26
C LEU C 59 -10.89 -7.67 23.46
N ALA C 60 -11.57 -7.44 22.36
CA ALA C 60 -13.01 -7.17 22.35
C ALA C 60 -13.80 -8.43 22.75
N VAL C 61 -13.36 -9.55 22.23
CA VAL C 61 -13.98 -10.85 22.50
C VAL C 61 -13.17 -11.63 23.53
N PRO C 62 -13.60 -12.80 24.00
CA PRO C 62 -12.81 -13.54 24.95
C PRO C 62 -11.56 -14.01 24.27
N LEU C 63 -10.47 -13.99 25.00
CA LEU C 63 -9.17 -14.44 24.49
C LEU C 63 -8.63 -15.61 25.32
N ILE C 64 -8.26 -16.63 24.59
CA ILE C 64 -7.65 -17.83 25.13
C ILE C 64 -6.65 -18.42 24.09
N GLY C 65 -5.41 -18.05 24.35
CA GLY C 65 -4.16 -18.25 23.55
C GLY C 65 -4.01 -19.52 22.68
N LYS C 66 -4.61 -20.61 23.07
CA LYS C 66 -4.42 -21.91 22.38
C LYS C 66 -4.51 -21.84 20.84
N TYR C 67 -5.61 -21.33 20.31
CA TYR C 67 -5.83 -21.28 18.86
C TYR C 67 -5.14 -20.06 18.26
N LEU C 68 -4.55 -19.30 19.14
CA LEU C 68 -3.82 -18.09 18.78
C LEU C 68 -2.46 -18.47 18.19
N MET C 69 -1.73 -19.30 18.93
CA MET C 69 -0.42 -19.75 18.48
C MET C 69 -0.52 -20.45 17.13
N PHE C 70 -1.61 -21.16 16.92
CA PHE C 70 -1.78 -21.90 15.68
C PHE C 70 -1.89 -20.96 14.50
N ILE C 71 -2.54 -19.81 14.66
CA ILE C 71 -2.69 -18.87 13.56
C ILE C 71 -1.41 -18.03 13.41
N MET C 72 -0.77 -17.84 14.53
CA MET C 72 0.45 -17.03 14.65
C MET C 72 1.66 -17.75 14.08
N SER C 73 1.69 -19.05 14.29
CA SER C 73 2.82 -19.87 13.82
C SER C 73 2.71 -20.13 12.31
N LEU C 74 1.52 -20.43 11.83
CA LEU C 74 1.33 -20.69 10.39
C LEU C 74 1.72 -19.43 9.59
N VAL C 75 1.25 -18.29 10.11
CA VAL C 75 1.53 -16.98 9.49
C VAL C 75 3.04 -16.74 9.44
N THR C 76 3.68 -17.03 10.56
CA THR C 76 5.13 -16.84 10.72
C THR C 76 5.91 -17.74 9.75
N GLY C 77 5.41 -18.95 9.59
CA GLY C 77 6.01 -20.00 8.72
C GLY C 77 5.86 -19.62 7.25
N VAL C 78 4.66 -19.20 6.90
CA VAL C 78 4.42 -18.73 5.55
C VAL C 78 5.30 -17.53 5.32
N ILE C 79 5.39 -16.78 6.40
CA ILE C 79 6.20 -15.58 6.47
C ILE C 79 7.68 -15.93 6.30
N VAL C 80 8.12 -16.92 7.07
CA VAL C 80 9.53 -17.36 7.04
C VAL C 80 9.83 -18.07 5.72
N ASN C 81 8.86 -18.80 5.23
CA ASN C 81 9.01 -19.48 3.95
C ASN C 81 9.14 -18.47 2.82
N CYS C 82 8.32 -17.44 2.95
CA CYS C 82 8.31 -16.32 1.98
C CYS C 82 9.72 -15.72 1.92
N GLY C 83 10.23 -15.42 3.10
CA GLY C 83 11.57 -14.85 3.26
C GLY C 83 12.60 -15.81 2.69
N ILE C 84 12.37 -17.08 2.98
CA ILE C 84 13.25 -18.15 2.50
C ILE C 84 13.17 -18.30 0.98
N VAL C 85 11.96 -18.25 0.46
CA VAL C 85 11.74 -18.35 -0.99
C VAL C 85 12.55 -17.24 -1.66
N LEU C 86 12.55 -16.08 -0.99
CA LEU C 86 13.36 -14.96 -1.43
C LEU C 86 14.80 -15.43 -1.41
N ASN C 87 15.20 -16.01 -0.28
CA ASN C 87 16.56 -16.53 -0.18
C ASN C 87 16.80 -17.54 -1.31
N PHE C 88 15.81 -18.43 -1.46
CA PHE C 88 15.75 -19.43 -2.51
C PHE C 88 15.63 -18.80 -3.90
N HIS C 89 14.62 -17.91 -3.92
CA HIS C 89 14.32 -17.10 -5.10
C HIS C 89 15.60 -16.56 -5.71
N PHE C 90 16.33 -15.86 -4.82
CA PHE C 90 17.61 -15.21 -5.12
C PHE C 90 18.67 -16.22 -5.54
N ARG C 91 18.64 -17.37 -4.89
CA ARG C 91 19.60 -18.43 -5.17
C ARG C 91 19.29 -19.08 -6.53
N THR C 92 17.99 -19.27 -6.75
CA THR C 92 17.59 -19.88 -8.02
C THR C 92 18.18 -19.11 -9.19
N GLY C 226 17.70 -25.82 -8.83
CA GLY C 226 17.25 -26.45 -10.13
C GLY C 226 17.72 -27.90 -10.44
N GLN C 227 17.35 -28.71 -9.52
CA GLN C 227 17.50 -30.16 -9.46
C GLN C 227 16.74 -30.43 -8.16
N THR C 228 16.80 -29.37 -7.33
CA THR C 228 16.22 -29.30 -6.00
C THR C 228 14.79 -28.79 -6.05
N ILE C 229 14.45 -27.97 -7.02
CA ILE C 229 13.18 -27.27 -7.18
C ILE C 229 11.99 -28.18 -6.90
N ASP C 230 11.88 -29.30 -7.59
CA ASP C 230 10.73 -30.22 -7.45
C ASP C 230 10.69 -30.77 -6.04
N ARG C 231 11.87 -30.84 -5.48
CA ARG C 231 12.06 -31.36 -4.13
C ARG C 231 11.75 -30.26 -3.12
N LEU C 232 12.13 -29.06 -3.45
CA LEU C 232 11.76 -27.91 -2.63
C LEU C 232 10.25 -27.94 -2.68
N SER C 233 9.81 -28.15 -3.91
CA SER C 233 8.40 -28.26 -4.23
C SER C 233 7.74 -29.43 -3.50
N MET C 234 8.39 -30.58 -3.61
CA MET C 234 7.90 -31.80 -2.94
C MET C 234 8.13 -31.71 -1.43
N PHE C 235 9.17 -30.99 -1.05
CA PHE C 235 9.51 -30.79 0.37
C PHE C 235 8.57 -29.75 1.00
N ILE C 236 8.24 -28.73 0.20
CA ILE C 236 7.35 -27.62 0.63
C ILE C 236 5.94 -28.15 0.81
N ILE C 237 5.47 -28.89 -0.18
CA ILE C 237 4.11 -29.46 -0.13
C ILE C 237 4.05 -30.61 0.88
N THR C 238 5.15 -31.36 1.01
CA THR C 238 5.21 -32.38 2.05
C THR C 238 5.12 -31.77 3.43
N PRO C 239 5.97 -30.68 3.55
CA PRO C 239 6.00 -30.03 4.86
C PRO C 239 4.69 -29.30 5.19
N VAL C 240 4.22 -28.53 4.18
CA VAL C 240 3.00 -27.78 4.44
C VAL C 240 1.82 -28.72 4.72
N MET C 241 1.68 -29.75 3.90
CA MET C 241 0.72 -30.82 4.14
C MET C 241 0.82 -31.32 5.58
N VAL C 242 2.02 -31.71 5.98
CA VAL C 242 2.32 -32.32 7.26
C VAL C 242 1.91 -31.42 8.43
N LEU C 243 2.27 -30.14 8.36
CA LEU C 243 1.90 -29.19 9.42
C LEU C 243 0.39 -28.87 9.34
N GLY C 244 -0.08 -28.76 8.12
CA GLY C 244 -1.50 -28.53 7.87
C GLY C 244 -2.27 -29.68 8.51
N THR C 245 -1.71 -30.86 8.27
CA THR C 245 -2.23 -32.12 8.80
C THR C 245 -2.05 -32.14 10.32
N ILE C 246 -0.87 -31.73 10.74
CA ILE C 246 -0.51 -31.72 12.18
C ILE C 246 -1.20 -30.61 12.97
N PHE C 247 -1.71 -29.64 12.23
CA PHE C 247 -2.51 -28.53 12.80
C PHE C 247 -3.95 -28.99 12.79
N ILE C 248 -4.29 -29.62 11.68
CA ILE C 248 -5.62 -30.18 11.57
C ILE C 248 -5.82 -31.04 12.80
N PHE C 249 -4.89 -31.97 12.98
CA PHE C 249 -4.91 -32.84 14.14
C PHE C 249 -5.08 -32.07 15.44
N VAL C 250 -4.27 -31.03 15.57
CA VAL C 250 -4.31 -30.18 16.76
C VAL C 250 -5.76 -29.82 17.12
N MET C 251 -6.46 -29.29 16.14
CA MET C 251 -7.86 -28.95 16.33
C MET C 251 -8.69 -30.24 16.39
N GLY C 252 -8.25 -31.21 15.60
CA GLY C 252 -8.90 -32.52 15.50
C GLY C 252 -8.69 -33.31 16.80
N ASN C 253 -7.50 -33.20 17.35
CA ASN C 253 -7.19 -33.87 18.59
C ASN C 253 -8.00 -33.28 19.76
N PHE C 254 -8.22 -31.98 19.61
CA PHE C 254 -9.00 -31.21 20.60
C PHE C 254 -10.49 -31.53 20.49
N ASN C 255 -10.92 -31.74 19.26
CA ASN C 255 -12.34 -32.04 18.96
C ASN C 255 -12.77 -33.34 19.63
N HIS C 256 -12.09 -34.41 19.27
CA HIS C 256 -12.35 -35.77 19.79
C HIS C 256 -12.48 -35.83 21.30
N PRO C 257 -11.56 -35.23 22.04
CA PRO C 257 -11.56 -35.35 23.48
C PRO C 257 -12.85 -34.83 23.96
N PRO C 258 -13.29 -33.71 23.39
CA PRO C 258 -14.54 -33.08 23.76
C PRO C 258 -15.68 -33.99 23.48
N ALA C 259 -15.64 -34.56 22.29
CA ALA C 259 -16.70 -35.45 21.82
C ALA C 259 -16.84 -36.68 22.73
N LYS C 260 -15.70 -37.27 23.06
CA LYS C 260 -15.70 -38.44 23.93
C LYS C 260 -16.28 -38.08 25.29
N PRO D 1 -31.35 2.60 1.43
CA PRO D 1 -30.01 3.23 1.81
C PRO D 1 -29.16 2.68 0.69
N LEU D 2 -29.08 3.44 -0.38
CA LEU D 2 -28.39 2.98 -1.59
C LEU D 2 -27.03 3.65 -1.76
N TYR D 3 -26.46 4.14 -0.69
CA TYR D 3 -25.20 4.88 -0.73
C TYR D 3 -24.02 3.93 -0.83
N PHE D 4 -24.23 2.68 -0.48
CA PHE D 4 -23.17 1.68 -0.50
C PHE D 4 -23.22 0.79 -1.73
N VAL D 5 -24.45 0.61 -2.23
CA VAL D 5 -24.68 -0.22 -3.40
C VAL D 5 -24.14 0.50 -4.64
N VAL D 6 -23.93 1.80 -4.53
CA VAL D 6 -23.36 2.55 -5.65
C VAL D 6 -21.85 2.37 -5.67
N ASN D 7 -21.21 2.64 -4.55
CA ASN D 7 -19.75 2.58 -4.45
C ASN D 7 -19.25 1.14 -4.61
N VAL D 8 -20.03 0.15 -4.20
CA VAL D 8 -19.63 -1.25 -4.30
C VAL D 8 -19.68 -1.71 -5.75
N ILE D 9 -20.69 -1.27 -6.44
CA ILE D 9 -20.85 -1.63 -7.85
C ILE D 9 -19.74 -0.95 -8.66
N ILE D 10 -19.35 0.22 -8.21
CA ILE D 10 -18.27 0.97 -8.88
C ILE D 10 -16.94 0.25 -8.66
N PRO D 11 -16.71 -0.36 -7.45
CA PRO D 11 -15.45 -1.02 -7.16
C PRO D 11 -15.31 -2.25 -8.00
N CYS D 12 -16.44 -2.88 -8.24
CA CYS D 12 -16.48 -4.10 -9.05
C CYS D 12 -16.32 -3.74 -10.53
N LEU D 13 -17.03 -2.71 -10.94
CA LEU D 13 -17.00 -2.30 -12.34
C LEU D 13 -15.61 -1.89 -12.79
N LEU D 14 -14.96 -1.01 -12.08
CA LEU D 14 -13.56 -0.64 -12.29
C LEU D 14 -12.62 -1.84 -12.10
N PHE D 15 -12.97 -2.70 -11.11
CA PHE D 15 -12.12 -3.85 -10.87
C PHE D 15 -12.23 -4.84 -12.02
N SER D 16 -13.38 -4.83 -12.66
CA SER D 16 -13.58 -5.69 -13.81
C SER D 16 -12.61 -5.21 -14.91
N PHE D 17 -12.43 -3.89 -14.94
CA PHE D 17 -11.53 -3.25 -15.91
C PHE D 17 -10.08 -3.67 -15.64
N LEU D 18 -9.77 -3.82 -14.36
CA LEU D 18 -8.44 -4.27 -13.94
C LEU D 18 -8.17 -5.67 -14.51
N THR D 19 -9.17 -6.54 -14.34
CA THR D 19 -9.09 -7.94 -14.81
C THR D 19 -9.34 -8.02 -16.31
N GLY D 20 -10.29 -7.21 -16.76
CA GLY D 20 -10.56 -7.12 -18.19
C GLY D 20 -9.29 -6.59 -18.84
N LEU D 21 -8.80 -5.52 -18.21
CA LEU D 21 -7.57 -4.84 -18.62
C LEU D 21 -6.37 -5.72 -18.33
N VAL D 22 -6.49 -6.49 -17.25
CA VAL D 22 -5.46 -7.45 -16.85
C VAL D 22 -5.43 -8.55 -17.89
N PHE D 23 -6.65 -9.02 -18.17
CA PHE D 23 -6.86 -9.96 -19.26
C PHE D 23 -6.55 -9.29 -20.60
N TYR D 24 -7.17 -8.12 -20.80
CA TYR D 24 -7.05 -7.32 -22.01
C TYR D 24 -5.69 -6.65 -22.08
N LEU D 25 -5.05 -6.49 -20.95
CA LEU D 25 -3.72 -5.87 -20.87
C LEU D 25 -2.65 -6.90 -21.20
N PRO D 26 -2.95 -8.21 -21.21
CA PRO D 26 -1.98 -9.21 -21.63
C PRO D 26 -1.85 -9.30 -23.15
N THR D 27 -3.00 -9.45 -23.77
CA THR D 27 -3.13 -9.63 -25.20
C THR D 27 -2.59 -8.43 -25.97
N ASP D 28 -2.90 -7.26 -25.46
CA ASP D 28 -2.46 -6.03 -26.04
C ASP D 28 -1.01 -5.74 -25.71
N SER D 29 -0.57 -6.13 -24.48
CA SER D 29 0.78 -5.93 -23.98
C SER D 29 1.11 -6.91 -22.86
N GLY D 30 1.78 -8.00 -23.22
CA GLY D 30 2.12 -9.10 -22.29
C GLY D 30 3.33 -8.76 -21.43
N GLU D 31 4.16 -7.92 -22.00
CA GLU D 31 5.42 -7.46 -21.42
C GLU D 31 5.21 -6.86 -20.03
N LYS D 32 3.98 -6.44 -19.66
CA LYS D 32 3.73 -5.77 -18.40
C LYS D 32 3.12 -6.73 -17.38
N MET D 33 3.40 -8.01 -17.48
CA MET D 33 2.84 -9.06 -16.64
C MET D 33 3.21 -8.87 -15.19
N THR D 34 4.48 -8.66 -14.95
CA THR D 34 4.94 -8.41 -13.60
C THR D 34 4.30 -7.12 -13.12
N LEU D 35 4.40 -6.16 -14.00
CA LEU D 35 3.77 -4.86 -13.82
C LEU D 35 2.32 -5.20 -13.52
N SER D 36 1.95 -6.31 -14.15
CA SER D 36 0.64 -6.91 -13.96
C SER D 36 0.48 -7.48 -12.55
N ILE D 37 1.59 -8.19 -12.23
CA ILE D 37 1.69 -8.74 -10.88
C ILE D 37 1.33 -7.66 -9.85
N SER D 38 1.90 -6.48 -10.06
CA SER D 38 1.68 -5.36 -9.17
C SER D 38 0.19 -5.03 -9.05
N VAL D 39 -0.55 -5.21 -10.19
CA VAL D 39 -1.97 -4.92 -10.18
C VAL D 39 -2.73 -5.95 -9.35
N LEU D 40 -2.26 -7.19 -9.43
CA LEU D 40 -2.88 -8.25 -8.62
C LEU D 40 -2.78 -7.96 -7.12
N LEU D 41 -1.60 -7.48 -6.70
CA LEU D 41 -1.43 -7.09 -5.30
C LEU D 41 -2.37 -5.97 -4.89
N SER D 42 -2.14 -4.90 -5.70
CA SER D 42 -3.05 -3.76 -5.63
C SER D 42 -4.51 -4.20 -5.73
N LEU D 43 -4.88 -4.97 -6.81
CA LEU D 43 -6.30 -5.25 -6.99
C LEU D 43 -6.86 -6.06 -5.82
N THR D 44 -5.91 -6.70 -5.12
CA THR D 44 -6.15 -7.69 -4.08
C THR D 44 -6.17 -7.04 -2.71
N VAL D 45 -5.44 -5.99 -2.50
CA VAL D 45 -5.57 -5.29 -1.23
C VAL D 45 -6.87 -4.48 -1.17
N PHE D 46 -7.15 -3.88 -2.33
CA PHE D 46 -8.35 -3.08 -2.49
C PHE D 46 -9.59 -3.90 -2.18
N LEU D 47 -9.67 -5.12 -2.70
CA LEU D 47 -10.84 -5.98 -2.47
C LEU D 47 -10.92 -6.47 -1.03
N LEU D 48 -9.77 -6.87 -0.50
CA LEU D 48 -9.63 -7.39 0.86
C LEU D 48 -10.04 -6.35 1.91
N VAL D 49 -9.88 -5.07 1.60
CA VAL D 49 -10.25 -4.01 2.53
C VAL D 49 -11.75 -3.68 2.40
N ILE D 50 -12.25 -3.90 1.19
CA ILE D 50 -13.67 -3.71 0.92
C ILE D 50 -14.49 -4.77 1.67
N VAL D 51 -13.93 -5.93 1.74
CA VAL D 51 -14.61 -6.97 2.52
C VAL D 51 -14.68 -6.56 3.99
N GLU D 52 -13.74 -5.70 4.36
CA GLU D 52 -13.64 -5.17 5.70
C GLU D 52 -14.74 -4.15 5.97
N LEU D 53 -14.60 -3.04 5.24
CA LEU D 53 -15.63 -1.98 5.32
C LEU D 53 -17.03 -2.58 5.37
N ILE D 54 -17.28 -3.50 4.47
CA ILE D 54 -18.58 -4.15 4.36
C ILE D 54 -18.87 -5.04 5.58
N PRO D 55 -17.87 -5.66 6.19
CA PRO D 55 -18.11 -6.54 7.33
C PRO D 55 -18.69 -5.77 8.48
N SER D 56 -18.06 -4.65 8.78
CA SER D 56 -18.48 -3.78 9.89
C SER D 56 -19.88 -3.22 9.64
N THR D 57 -20.15 -2.93 8.39
CA THR D 57 -21.43 -2.36 7.98
C THR D 57 -22.56 -3.38 8.18
N SER D 58 -22.34 -4.55 7.62
CA SER D 58 -23.30 -5.67 7.66
C SER D 58 -23.61 -6.06 9.12
N SER D 59 -22.55 -6.24 9.88
CA SER D 59 -22.66 -6.63 11.29
C SER D 59 -23.29 -5.50 12.11
N ALA D 60 -23.07 -4.28 11.66
CA ALA D 60 -23.60 -3.07 12.30
C ALA D 60 -25.08 -2.91 11.98
N VAL D 61 -25.35 -3.02 10.70
CA VAL D 61 -26.70 -3.05 10.16
C VAL D 61 -26.96 -4.50 9.74
N PRO D 62 -27.91 -5.21 10.39
CA PRO D 62 -28.21 -6.59 10.03
C PRO D 62 -28.94 -6.63 8.72
N LEU D 63 -28.81 -7.73 8.04
CA LEU D 63 -29.50 -7.94 6.76
C LEU D 63 -29.49 -9.43 6.45
N ILE D 64 -30.02 -9.83 5.30
CA ILE D 64 -30.15 -11.23 4.92
C ILE D 64 -28.83 -11.71 4.28
N GLY D 65 -28.43 -12.89 4.78
CA GLY D 65 -27.17 -13.57 4.46
C GLY D 65 -27.02 -13.97 2.98
N LYS D 66 -28.12 -14.36 2.37
CA LYS D 66 -28.14 -14.84 1.00
C LYS D 66 -27.57 -13.79 0.04
N TYR D 67 -27.83 -12.50 0.22
CA TYR D 67 -27.33 -11.48 -0.68
C TYR D 67 -25.83 -11.29 -0.51
N MET D 68 -25.29 -11.80 0.60
CA MET D 68 -23.89 -11.68 0.94
C MET D 68 -23.05 -12.74 0.23
N LEU D 69 -23.66 -13.89 0.00
CA LEU D 69 -23.00 -15.01 -0.67
C LEU D 69 -22.54 -14.65 -2.08
N PHE D 70 -23.37 -13.87 -2.74
CA PHE D 70 -23.12 -13.42 -4.11
C PHE D 70 -21.87 -12.57 -4.17
N THR D 71 -21.73 -11.65 -3.23
CA THR D 71 -20.55 -10.81 -3.18
C THR D 71 -19.29 -11.64 -3.05
N MET D 72 -19.40 -12.63 -2.17
CA MET D 72 -18.29 -13.54 -1.88
C MET D 72 -17.93 -14.38 -3.10
N ILE D 73 -18.97 -14.97 -3.69
CA ILE D 73 -18.79 -15.84 -4.84
C ILE D 73 -18.11 -15.06 -5.98
N PHE D 74 -18.80 -14.02 -6.40
CA PHE D 74 -18.34 -13.15 -7.46
C PHE D 74 -16.89 -12.71 -7.20
N VAL D 75 -16.68 -12.19 -6.00
CA VAL D 75 -15.39 -11.68 -5.55
C VAL D 75 -14.34 -12.79 -5.55
N ILE D 76 -14.78 -13.99 -5.22
CA ILE D 76 -13.89 -15.17 -5.12
C ILE D 76 -13.52 -15.72 -6.50
N SER D 77 -14.37 -15.40 -7.48
CA SER D 77 -14.20 -15.87 -8.87
C SER D 77 -13.30 -14.91 -9.64
N SER D 78 -13.43 -13.64 -9.35
CA SER D 78 -12.52 -12.66 -9.91
C SER D 78 -11.16 -13.07 -9.37
N ILE D 79 -11.26 -13.38 -8.10
CA ILE D 79 -10.10 -13.84 -7.31
C ILE D 79 -9.54 -15.15 -7.84
N ILE D 80 -10.43 -16.07 -8.23
CA ILE D 80 -9.95 -17.35 -8.75
C ILE D 80 -9.50 -17.22 -10.20
N ILE D 81 -10.18 -16.36 -10.93
CA ILE D 81 -9.78 -16.08 -12.31
C ILE D 81 -8.40 -15.43 -12.34
N THR D 82 -8.21 -14.48 -11.41
CA THR D 82 -6.91 -13.82 -11.28
C THR D 82 -5.83 -14.89 -11.09
N VAL D 83 -6.07 -15.72 -10.08
CA VAL D 83 -5.14 -16.81 -9.77
C VAL D 83 -4.82 -17.62 -11.02
N VAL D 84 -5.89 -18.00 -11.71
CA VAL D 84 -5.76 -18.77 -12.96
C VAL D 84 -5.31 -17.84 -14.08
N VAL D 85 -5.90 -16.66 -14.09
CA VAL D 85 -5.55 -15.66 -15.09
C VAL D 85 -4.12 -15.17 -14.89
N ILE D 86 -3.65 -15.42 -13.67
CA ILE D 86 -2.25 -15.15 -13.35
C ILE D 86 -1.34 -16.29 -13.80
N ASN D 87 -1.82 -17.47 -13.43
CA ASN D 87 -1.21 -18.70 -13.91
C ASN D 87 -1.36 -18.67 -15.41
N THR D 88 -2.55 -18.16 -15.75
CA THR D 88 -2.98 -17.93 -17.13
C THR D 88 -1.99 -16.95 -17.74
N HIS D 89 -1.69 -15.94 -16.94
CA HIS D 89 -0.70 -14.92 -17.29
C HIS D 89 0.66 -15.60 -17.32
N HIS D 90 1.02 -16.03 -16.08
CA HIS D 90 2.23 -16.83 -15.99
C HIS D 90 2.49 -17.90 -17.03
N ARG D 91 1.43 -18.74 -17.05
CA ARG D 91 1.35 -19.70 -18.13
C ARG D 91 1.36 -19.02 -19.49
N SER D 92 0.53 -17.98 -19.47
CA SER D 92 0.42 -17.07 -20.61
C SER D 92 1.76 -16.37 -20.80
N ALA D 193 -1.94 -14.29 -28.88
CA ALA D 193 -2.99 -13.88 -29.81
C ALA D 193 -4.17 -14.83 -29.75
N MET D 194 -4.21 -16.10 -29.41
CA MET D 194 -5.39 -17.02 -29.40
C MET D 194 -5.78 -17.34 -27.97
N VAL D 195 -4.75 -17.58 -27.17
CA VAL D 195 -4.98 -17.96 -25.77
C VAL D 195 -5.67 -16.83 -24.97
N ILE D 196 -5.20 -15.60 -25.12
CA ILE D 196 -5.81 -14.49 -24.37
C ILE D 196 -7.27 -14.27 -24.76
N ASP D 197 -7.53 -14.32 -26.05
CA ASP D 197 -8.91 -14.22 -26.51
C ASP D 197 -9.64 -15.37 -25.85
N HIS D 198 -8.88 -16.48 -25.95
CA HIS D 198 -9.29 -17.66 -25.24
C HIS D 198 -9.64 -17.60 -23.75
N ILE D 199 -8.64 -17.00 -23.08
CA ILE D 199 -8.80 -16.72 -21.66
C ILE D 199 -9.72 -15.53 -21.42
N LEU D 200 -9.58 -14.55 -22.31
CA LEU D 200 -10.40 -13.33 -22.28
C LEU D 200 -11.85 -13.67 -22.67
N LEU D 201 -11.96 -14.58 -23.63
CA LEU D 201 -13.27 -15.03 -24.13
C LEU D 201 -14.01 -15.82 -23.05
N CYS D 202 -13.24 -16.66 -22.37
CA CYS D 202 -13.77 -17.54 -21.31
C CYS D 202 -13.95 -16.78 -19.99
N VAL D 203 -13.25 -15.68 -19.89
CA VAL D 203 -13.37 -14.80 -18.72
C VAL D 203 -14.64 -13.97 -18.90
N PHE D 204 -14.61 -13.20 -19.97
CA PHE D 204 -15.74 -12.37 -20.36
C PHE D 204 -17.07 -13.12 -20.30
N MET D 205 -17.07 -14.26 -20.98
CA MET D 205 -18.22 -15.14 -21.09
C MET D 205 -18.68 -15.62 -19.72
N LEU D 206 -17.71 -15.89 -18.84
CA LEU D 206 -17.98 -16.34 -17.47
C LEU D 206 -18.44 -15.19 -16.58
N ILE D 207 -17.78 -14.04 -16.72
CA ILE D 207 -18.10 -12.88 -15.90
C ILE D 207 -19.41 -12.25 -16.38
N CYS D 208 -19.65 -12.28 -17.67
CA CYS D 208 -20.92 -11.74 -18.19
C CYS D 208 -22.09 -12.60 -17.70
N ILE D 209 -21.82 -13.88 -17.66
CA ILE D 209 -22.82 -14.83 -17.19
C ILE D 209 -22.97 -14.70 -15.66
N ILE D 210 -21.88 -15.04 -14.99
CA ILE D 210 -21.85 -14.93 -13.52
C ILE D 210 -22.42 -13.60 -13.05
N GLY D 211 -21.93 -12.57 -13.74
CA GLY D 211 -22.36 -11.18 -13.51
C GLY D 211 -23.81 -11.04 -13.96
N THR D 212 -24.11 -11.75 -15.04
CA THR D 212 -25.47 -11.81 -15.53
C THR D 212 -26.37 -12.57 -14.57
N VAL D 213 -25.80 -13.68 -14.06
CA VAL D 213 -26.52 -14.46 -13.07
C VAL D 213 -26.69 -13.66 -11.77
N SER D 214 -25.59 -13.04 -11.32
CA SER D 214 -25.61 -12.28 -10.08
C SER D 214 -26.55 -11.09 -10.18
N VAL D 215 -26.52 -10.46 -11.40
CA VAL D 215 -27.40 -9.33 -11.65
C VAL D 215 -28.85 -9.78 -11.74
N PHE D 216 -29.09 -10.95 -12.30
CA PHE D 216 -30.40 -11.58 -12.23
C PHE D 216 -30.85 -11.83 -10.77
N ALA D 217 -29.94 -12.33 -9.96
CA ALA D 217 -30.24 -12.67 -8.53
C ALA D 217 -30.68 -11.43 -7.75
N GLY D 218 -30.19 -10.29 -8.20
CA GLY D 218 -30.56 -8.99 -7.65
C GLY D 218 -31.85 -8.58 -8.36
N ARG D 219 -31.82 -8.81 -9.65
CA ARG D 219 -32.94 -8.52 -10.57
C ARG D 219 -34.20 -9.24 -10.09
N LEU D 220 -34.07 -10.57 -10.04
CA LEU D 220 -35.16 -11.43 -9.58
C LEU D 220 -35.57 -11.12 -8.14
N ILE D 221 -34.51 -10.86 -7.38
CA ILE D 221 -34.72 -10.42 -6.01
C ILE D 221 -35.29 -8.99 -6.00
N GLU D 222 -35.03 -8.35 -7.15
CA GLU D 222 -35.54 -7.00 -7.42
C GLU D 222 -37.00 -7.10 -7.83
N LEU D 223 -37.29 -8.17 -8.57
CA LEU D 223 -38.65 -8.47 -9.04
C LEU D 223 -39.56 -8.65 -7.82
N SER D 224 -39.04 -9.41 -6.87
CA SER D 224 -39.73 -9.71 -5.61
C SER D 224 -39.80 -8.44 -4.76
N GLN D 225 -38.70 -7.71 -4.78
CA GLN D 225 -38.58 -6.44 -4.02
C GLN D 225 -39.62 -5.41 -4.50
N GLU D 226 -39.74 -5.33 -5.82
CA GLU D 226 -40.66 -4.37 -6.49
C GLU D 226 -42.12 -4.62 -6.08
N GLY D 227 -42.46 -5.92 -5.93
CA GLY D 227 -43.82 -6.29 -5.54
C GLY D 227 -44.06 -6.23 -4.02
N PRO E 1 -17.52 27.56 4.13
CA PRO E 1 -16.53 26.84 4.97
C PRO E 1 -15.46 26.19 4.16
N LEU E 2 -15.31 24.95 4.58
CA LEU E 2 -14.39 23.93 4.07
C LEU E 2 -12.93 24.36 4.13
N PHE E 3 -12.22 23.71 5.03
CA PHE E 3 -10.77 23.81 5.12
C PHE E 3 -10.30 22.62 4.31
N TYR E 4 -11.13 21.61 4.37
CA TYR E 4 -10.88 20.36 3.67
C TYR E 4 -10.83 20.61 2.17
N ILE E 5 -11.74 21.46 1.65
CA ILE E 5 -11.77 21.87 0.26
C ILE E 5 -10.38 22.27 -0.24
N ILE E 6 -9.77 23.06 0.62
CA ILE E 6 -8.40 23.39 0.28
C ILE E 6 -7.57 22.11 0.14
N ASN E 7 -7.84 21.17 1.07
CA ASN E 7 -7.12 19.92 1.11
C ASN E 7 -7.59 19.00 0.00
N ILE E 8 -8.85 18.95 -0.26
CA ILE E 8 -9.44 18.10 -1.28
C ILE E 8 -9.02 18.59 -2.68
N ILE E 9 -9.16 19.89 -2.88
CA ILE E 9 -8.77 20.51 -4.14
C ILE E 9 -7.28 20.21 -4.38
N ALA E 10 -6.54 20.24 -3.29
CA ALA E 10 -5.09 20.00 -3.31
C ALA E 10 -4.79 18.57 -3.74
N PRO E 11 -5.61 17.60 -3.34
CA PRO E 11 -5.39 16.20 -3.71
C PRO E 11 -5.65 16.01 -5.17
N CYS E 12 -6.65 16.73 -5.64
CA CYS E 12 -7.12 16.62 -7.02
C CYS E 12 -6.47 17.64 -7.97
N VAL E 13 -5.51 18.37 -7.45
CA VAL E 13 -4.69 19.26 -8.28
C VAL E 13 -3.37 18.53 -8.47
N LEU E 14 -2.75 18.07 -7.43
CA LEU E 14 -1.55 17.22 -7.48
C LEU E 14 -1.82 15.90 -8.20
N ILE E 15 -3.05 15.37 -7.98
CA ILE E 15 -3.37 14.10 -8.62
C ILE E 15 -3.51 14.30 -10.14
N SER E 16 -3.94 15.47 -10.56
CA SER E 16 -3.97 15.78 -11.98
C SER E 16 -2.56 15.84 -12.52
N SER E 17 -1.67 16.20 -11.64
CA SER E 17 -0.26 16.26 -11.96
C SER E 17 0.20 14.84 -12.30
N LEU E 18 -0.25 13.92 -11.45
CA LEU E 18 0.05 12.49 -11.59
C LEU E 18 -0.39 11.98 -12.98
N VAL E 19 -1.69 12.15 -13.26
CA VAL E 19 -2.29 11.75 -14.52
C VAL E 19 -1.77 12.59 -15.68
N VAL E 20 -1.70 13.89 -15.41
CA VAL E 20 -1.09 14.78 -16.37
C VAL E 20 0.35 14.32 -16.53
N LEU E 21 0.94 14.13 -15.35
CA LEU E 21 2.30 13.58 -15.29
C LEU E 21 2.40 12.24 -16.02
N VAL E 22 1.49 11.36 -15.60
CA VAL E 22 1.36 10.01 -16.17
C VAL E 22 1.13 10.10 -17.68
N TYR E 23 0.17 10.95 -18.00
CA TYR E 23 -0.14 11.26 -19.40
C TYR E 23 1.05 11.98 -20.02
N PHE E 24 1.35 13.14 -19.44
CA PHE E 24 2.49 13.99 -19.88
C PHE E 24 3.78 13.16 -19.91
N LEU E 25 3.94 12.37 -18.88
CA LEU E 25 5.14 11.55 -18.71
C LEU E 25 5.19 10.47 -19.76
N PRO E 26 4.04 10.20 -20.41
CA PRO E 26 3.92 9.17 -21.40
C PRO E 26 4.66 9.64 -22.58
N ALA E 27 4.42 10.87 -22.90
CA ALA E 27 5.09 11.48 -24.01
C ALA E 27 6.52 11.80 -23.61
N GLN E 28 6.69 12.02 -22.31
CA GLN E 28 7.98 12.31 -21.70
C GLN E 28 8.42 11.19 -20.77
N ALA E 29 7.95 9.98 -21.09
CA ALA E 29 8.25 8.78 -20.31
C ALA E 29 9.03 7.76 -21.13
N GLY E 30 9.98 7.13 -20.47
CA GLY E 30 10.87 6.12 -21.07
C GLY E 30 10.09 4.85 -21.42
N GLY E 31 10.76 3.97 -22.13
CA GLY E 31 10.20 2.69 -22.57
C GLY E 31 9.54 1.97 -21.39
N GLN E 32 10.24 1.99 -20.28
CA GLN E 32 9.75 1.33 -19.07
C GLN E 32 8.62 2.13 -18.43
N LYS E 33 8.35 3.34 -18.92
CA LYS E 33 7.42 4.27 -18.30
C LYS E 33 5.99 3.77 -18.41
N CYS E 34 5.61 3.04 -19.44
CA CYS E 34 4.24 2.51 -19.54
C CYS E 34 3.93 1.64 -18.32
N THR E 35 4.92 0.84 -17.92
CA THR E 35 4.65 0.05 -16.74
C THR E 35 4.75 0.89 -15.47
N LEU E 36 5.71 1.80 -15.47
CA LEU E 36 5.81 2.76 -14.37
C LEU E 36 4.45 3.36 -14.03
N SER E 37 3.81 3.92 -15.10
CA SER E 37 2.51 4.57 -15.06
C SER E 37 1.44 3.64 -14.51
N ILE E 38 1.64 2.40 -14.90
CA ILE E 38 0.78 1.40 -14.29
C ILE E 38 0.79 1.55 -12.76
N SER E 39 2.05 1.74 -12.33
CA SER E 39 2.29 1.94 -10.90
C SER E 39 1.53 3.15 -10.37
N VAL E 40 1.45 4.20 -11.24
CA VAL E 40 0.73 5.41 -10.82
C VAL E 40 -0.77 5.17 -10.75
N LEU E 41 -1.24 4.33 -11.65
CA LEU E 41 -2.67 3.98 -11.65
C LEU E 41 -3.08 3.30 -10.35
N LEU E 42 -2.22 2.37 -9.93
CA LEU E 42 -2.45 1.67 -8.64
C LEU E 42 -2.43 2.64 -7.46
N ALA E 43 -1.36 3.43 -7.49
CA ALA E 43 -1.13 4.45 -6.49
C ALA E 43 -2.23 5.51 -6.52
N GLN E 44 -2.50 6.01 -7.72
CA GLN E 44 -3.52 7.03 -7.90
C GLN E 44 -4.90 6.51 -7.53
N THR E 45 -5.02 5.16 -7.57
CA THR E 45 -6.27 4.45 -7.37
C THR E 45 -6.44 4.05 -5.91
N ILE E 46 -5.37 3.83 -5.18
CA ILE E 46 -5.51 3.55 -3.76
C ILE E 46 -5.81 4.82 -2.96
N PHE E 47 -5.20 5.88 -3.48
CA PHE E 47 -5.33 7.21 -2.91
C PHE E 47 -6.77 7.69 -2.97
N LEU E 48 -7.39 7.55 -4.13
CA LEU E 48 -8.79 7.98 -4.33
C LEU E 48 -9.77 7.10 -3.57
N PHE E 49 -9.51 5.80 -3.52
CA PHE E 49 -10.40 4.86 -2.87
C PHE E 49 -10.44 5.10 -1.37
N LEU E 50 -9.33 5.52 -0.82
CA LEU E 50 -9.28 5.83 0.62
C LEU E 50 -9.94 7.19 0.92
N ILE E 51 -9.86 8.11 -0.07
CA ILE E 51 -10.50 9.42 0.08
C ILE E 51 -12.02 9.30 0.06
N ALA E 52 -12.46 8.24 -0.61
CA ALA E 52 -13.88 7.89 -0.67
C ALA E 52 -14.32 7.43 0.72
N GLN E 53 -13.46 6.63 1.34
CA GLN E 53 -13.70 6.06 2.66
C GLN E 53 -13.82 7.16 3.72
N LYS E 54 -12.91 8.14 3.70
CA LYS E 54 -12.94 9.23 4.65
C LYS E 54 -14.13 10.13 4.40
N VAL E 55 -14.35 10.42 3.14
CA VAL E 55 -15.46 11.29 2.71
C VAL E 55 -16.79 10.68 3.13
N PRO E 56 -16.87 9.34 3.10
CA PRO E 56 -18.10 8.62 3.38
C PRO E 56 -18.47 8.79 4.80
N GLU E 57 -17.49 8.50 5.62
CA GLU E 57 -17.64 8.59 7.08
C GLU E 57 -17.90 10.03 7.51
N THR E 58 -17.32 10.94 6.77
CA THR E 58 -17.46 12.37 7.02
C THR E 58 -18.91 12.83 6.82
N SER E 59 -19.52 12.36 5.74
CA SER E 59 -20.89 12.78 5.38
C SER E 59 -21.89 12.27 6.41
N LEU E 60 -21.70 11.02 6.80
CA LEU E 60 -22.55 10.42 7.84
C LEU E 60 -22.40 11.16 9.18
N ASN E 61 -21.16 11.59 9.45
CA ASN E 61 -20.84 12.28 10.68
C ASN E 61 -21.45 13.67 10.69
N VAL E 62 -21.30 14.38 9.59
CA VAL E 62 -21.96 15.67 9.44
C VAL E 62 -23.17 15.58 8.51
N PRO E 63 -23.81 16.70 8.18
CA PRO E 63 -25.03 16.70 7.37
C PRO E 63 -24.78 16.23 5.93
N LEU E 64 -25.84 15.90 5.23
CA LEU E 64 -25.67 15.30 3.91
C LEU E 64 -26.35 16.14 2.83
N ILE E 65 -25.57 16.38 1.75
CA ILE E 65 -26.04 17.06 0.54
C ILE E 65 -25.13 16.77 -0.65
N GLY E 66 -25.66 15.88 -1.47
CA GLY E 66 -24.98 15.41 -2.66
C GLY E 66 -25.50 16.20 -3.88
N LYS E 67 -24.55 16.91 -4.39
CA LYS E 67 -24.57 17.69 -5.63
C LYS E 67 -23.11 17.88 -5.90
N TYR E 68 -22.49 18.33 -4.86
CA TYR E 68 -21.07 18.48 -4.86
C TYR E 68 -20.48 17.07 -4.82
N LEU E 69 -21.19 16.19 -4.12
CA LEU E 69 -20.79 14.79 -3.99
C LEU E 69 -20.70 14.10 -5.34
N ILE E 70 -21.69 14.36 -6.18
CA ILE E 70 -21.72 13.80 -7.52
C ILE E 70 -20.53 14.32 -8.34
N PHE E 71 -20.23 15.58 -8.09
CA PHE E 71 -19.12 16.27 -8.76
C PHE E 71 -17.78 15.55 -8.46
N VAL E 72 -17.63 15.13 -7.20
CA VAL E 72 -16.40 14.44 -6.75
C VAL E 72 -16.33 13.02 -7.35
N MET E 73 -17.48 12.38 -7.38
CA MET E 73 -17.59 11.01 -7.88
C MET E 73 -17.39 10.96 -9.40
N PHE E 74 -17.95 11.95 -10.07
CA PHE E 74 -17.89 12.03 -11.54
C PHE E 74 -16.48 12.40 -12.02
N VAL E 75 -15.89 13.39 -11.38
CA VAL E 75 -14.52 13.78 -11.76
C VAL E 75 -13.56 12.66 -11.40
N SER E 76 -13.75 12.11 -10.22
CA SER E 76 -12.90 11.00 -9.74
C SER E 76 -13.06 9.81 -10.68
N MET E 77 -14.29 9.55 -11.05
CA MET E 77 -14.63 8.42 -11.93
C MET E 77 -13.96 8.57 -13.30
N LEU E 78 -13.94 9.78 -13.81
CA LEU E 78 -13.41 10.07 -15.16
C LEU E 78 -11.90 10.14 -15.17
N ILE E 79 -11.37 10.68 -14.11
CA ILE E 79 -9.93 10.66 -13.97
C ILE E 79 -9.62 9.19 -13.95
N VAL E 80 -10.49 8.53 -13.21
CA VAL E 80 -10.42 7.09 -13.03
C VAL E 80 -10.54 6.35 -14.36
N MET E 81 -11.54 6.75 -15.13
CA MET E 81 -11.81 6.12 -16.42
C MET E 81 -10.73 6.48 -17.44
N ASN E 82 -10.33 7.76 -17.45
CA ASN E 82 -9.20 8.21 -18.23
C ASN E 82 -7.95 7.41 -17.87
N CYS E 83 -7.73 7.22 -16.60
CA CYS E 83 -6.56 6.46 -16.14
C CYS E 83 -6.58 5.06 -16.74
N VAL E 84 -7.75 4.43 -16.71
CA VAL E 84 -7.88 3.08 -17.27
C VAL E 84 -7.71 3.13 -18.79
N ILE E 85 -8.25 4.20 -19.37
CA ILE E 85 -8.11 4.40 -20.81
C ILE E 85 -6.65 4.70 -21.13
N VAL E 86 -6.06 5.56 -20.33
CA VAL E 86 -4.65 5.89 -20.50
C VAL E 86 -3.88 4.57 -20.48
N LEU E 87 -4.25 3.75 -19.52
CA LEU E 87 -3.68 2.41 -19.38
C LEU E 87 -4.04 1.64 -20.65
N ASN E 88 -5.34 1.63 -20.92
CA ASN E 88 -5.86 0.98 -22.11
C ASN E 88 -5.18 1.59 -23.32
N VAL E 89 -5.07 2.90 -23.27
CA VAL E 89 -4.40 3.67 -24.32
C VAL E 89 -2.97 3.20 -24.41
N SER E 90 -2.32 3.22 -23.26
CA SER E 90 -0.90 2.82 -23.12
C SER E 90 -0.73 1.32 -23.31
N LEU E 91 -1.83 0.62 -23.13
CA LEU E 91 -1.88 -0.84 -23.29
C LEU E 91 -2.07 -1.12 -24.78
N ARG E 92 -3.05 -0.42 -25.32
CA ARG E 92 -3.32 -0.46 -26.75
C ARG E 92 -2.03 -0.05 -27.43
N THR E 93 -1.41 0.92 -26.76
CA THR E 93 -0.11 1.44 -27.16
C THR E 93 0.92 0.36 -26.90
N GLY E 226 4.37 7.78 -31.95
CA GLY E 226 3.27 8.26 -31.06
C GLY E 226 2.43 9.25 -31.84
N LYS E 227 1.19 9.03 -31.69
CA LYS E 227 0.09 9.88 -32.11
C LYS E 227 -0.87 10.13 -30.96
N VAL E 228 -1.30 8.97 -30.44
CA VAL E 228 -2.37 9.04 -29.45
C VAL E 228 -1.88 9.21 -28.04
N ILE E 229 -0.60 9.10 -27.86
CA ILE E 229 -0.06 9.38 -26.54
C ILE E 229 -0.04 10.90 -26.41
N ASP E 230 0.34 11.51 -27.52
CA ASP E 230 0.45 12.97 -27.65
C ASP E 230 -0.91 13.63 -27.37
N LYS E 231 -1.91 13.18 -28.13
CA LYS E 231 -3.29 13.68 -28.00
C LYS E 231 -3.87 13.28 -26.65
N ALA E 232 -3.51 12.07 -26.24
CA ALA E 232 -3.94 11.49 -24.95
C ALA E 232 -3.58 12.45 -23.83
N CYS E 233 -2.48 13.15 -24.09
CA CYS E 233 -1.99 14.20 -23.21
C CYS E 233 -2.82 15.45 -23.46
N PHE E 234 -3.18 15.55 -24.74
CA PHE E 234 -4.04 16.65 -25.21
C PHE E 234 -5.48 16.37 -24.76
N TRP E 235 -5.91 15.15 -25.00
CA TRP E 235 -7.27 14.74 -24.66
C TRP E 235 -7.49 14.81 -23.16
N ILE E 236 -6.45 14.38 -22.43
CA ILE E 236 -6.52 14.42 -20.98
C ILE E 236 -6.69 15.84 -20.46
N ALA E 237 -5.66 16.63 -20.81
CA ALA E 237 -5.62 18.05 -20.50
C ALA E 237 -6.93 18.73 -20.85
N LEU E 238 -7.34 18.57 -22.10
CA LEU E 238 -8.56 19.15 -22.69
C LEU E 238 -9.80 18.72 -21.91
N LEU E 239 -9.80 17.38 -21.55
CA LEU E 239 -10.93 16.87 -20.77
C LEU E 239 -10.89 17.33 -19.32
N LEU E 240 -9.71 17.35 -18.73
CA LEU E 240 -9.56 17.76 -17.33
C LEU E 240 -9.84 19.26 -17.17
N PHE E 241 -9.32 20.02 -18.10
CA PHE E 241 -9.48 21.47 -18.10
C PHE E 241 -10.92 21.87 -18.45
N SER E 242 -11.66 20.88 -18.91
CA SER E 242 -13.06 21.08 -19.33
C SER E 242 -14.01 20.51 -18.27
N ILE E 243 -13.59 19.38 -17.76
CA ILE E 243 -14.27 18.79 -16.61
C ILE E 243 -14.01 19.60 -15.35
N GLY E 244 -12.72 19.93 -15.26
CA GLY E 244 -12.23 20.80 -14.18
C GLY E 244 -13.00 22.13 -14.25
N THR E 245 -12.93 22.73 -15.43
CA THR E 245 -13.60 24.01 -15.73
C THR E 245 -15.09 23.90 -15.38
N LEU E 246 -15.66 22.82 -15.89
CA LEU E 246 -17.07 22.51 -15.64
C LEU E 246 -17.28 22.41 -14.14
N ALA E 247 -16.46 21.59 -13.52
CA ALA E 247 -16.55 21.37 -12.07
C ALA E 247 -16.37 22.70 -11.34
N ILE E 248 -15.40 23.48 -11.79
CA ILE E 248 -15.12 24.77 -11.15
C ILE E 248 -16.29 25.72 -11.34
N PHE E 249 -16.89 25.66 -12.52
CA PHE E 249 -18.05 26.50 -12.84
C PHE E 249 -19.24 26.10 -11.96
N LEU E 250 -19.40 24.79 -11.77
CA LEU E 250 -20.47 24.26 -10.90
C LEU E 250 -20.27 24.85 -9.50
N THR E 251 -19.02 24.80 -9.07
CA THR E 251 -18.63 25.38 -7.77
C THR E 251 -19.01 26.85 -7.76
N GLY E 252 -18.57 27.53 -8.80
CA GLY E 252 -18.82 28.97 -8.98
C GLY E 252 -20.33 29.27 -8.92
N HIS E 253 -21.03 28.45 -9.70
CA HIS E 253 -22.47 28.52 -9.69
C HIS E 253 -23.27 28.11 -8.46
N PHE E 254 -22.59 27.11 -7.84
CA PHE E 254 -23.04 26.68 -6.53
C PHE E 254 -22.79 27.72 -5.44
N ASN E 255 -21.63 28.36 -5.62
CA ASN E 255 -21.21 29.40 -4.68
C ASN E 255 -22.08 30.66 -4.83
N GLN E 256 -22.49 30.96 -6.04
CA GLN E 256 -23.17 32.20 -6.41
C GLN E 256 -24.61 32.22 -5.89
N VAL E 257 -25.45 31.26 -6.27
CA VAL E 257 -26.87 31.23 -5.87
C VAL E 257 -27.02 31.20 -4.34
N PRO E 258 -26.13 30.50 -3.60
CA PRO E 258 -26.26 30.38 -2.15
C PRO E 258 -25.93 31.74 -1.54
N GLU E 259 -25.10 32.47 -2.28
CA GLU E 259 -24.75 33.81 -1.83
C GLU E 259 -25.84 34.82 -2.18
N PHE E 260 -26.37 34.72 -3.39
CA PHE E 260 -27.48 35.57 -3.78
C PHE E 260 -28.65 35.42 -2.81
#